data_4S2B
#
_entry.id   4S2B
#
_cell.length_a   67.308
_cell.length_b   91.699
_cell.length_c   130.987
_cell.angle_alpha   90.00
_cell.angle_beta   90.00
_cell.angle_gamma   90.00
#
_symmetry.space_group_name_H-M   'P 21 21 21'
#
loop_
_entity.id
_entity.type
_entity.pdbx_description
1 polymer 'Transaldolase B'
2 non-polymer 2-deoxy-6-O-phosphono-beta-D-lyxo-hexofuranose
3 non-polymer 'SULFATE ION'
4 water water
#
_entity_poly.entity_id   1
_entity_poly.type   'polypeptide(L)'
_entity_poly.pdbx_seq_one_letter_code
;MGSSHHHHHHSSGLVPRGSHMTDKLTSLRQYTTVVADTGDIAAMKLYQPQDATTNPSLILNAAQIPEYRKLIDDAVAWAK
QQSNDRAQQIVDATDKLAVNIGLEILKLVPGRISTEVDARLSYDTEASIAKAKRLIKLYNDAGISNDRILIKLASTWQGI
RAAEQLEKEGINCNLTLLFSFAQARACAEAGVFLISPYVGRILDWYKANTDKKEYAPAEDPGVVSVSEIYQYYKEHGYET
VVMGASFRNIGEILELAGCDRLTIAPTLLKELAESEGAIERKLSYTGEVKARPARITESEFLWQHNQDPMAVDKLAEGIR
KFAIDQEKLEKMIGDLL
;
_entity_poly.pdbx_strand_id   A,B
#
loop_
_chem_comp.id
_chem_comp.type
_chem_comp.name
_chem_comp.formula
44S D-saccharide, beta linking 2-deoxy-6-O-phosphono-beta-D-lyxo-hexofuranose 'C6 H13 O8 P'
SO4 non-polymer 'SULFATE ION' 'O4 S -2'
#
# COMPACT_ATOMS: atom_id res chain seq x y z
N THR A 22 -42.94 1.47 -17.24
CA THR A 22 -42.32 2.33 -16.18
C THR A 22 -40.81 2.62 -16.46
N ASP A 23 -40.09 2.85 -15.40
CA ASP A 23 -38.80 3.51 -15.46
C ASP A 23 -37.70 2.56 -15.05
N LYS A 24 -36.46 2.97 -15.25
CA LYS A 24 -35.33 2.07 -15.03
C LYS A 24 -35.08 1.79 -13.55
N LEU A 25 -35.43 2.73 -12.66
CA LEU A 25 -35.26 2.46 -11.23
C LEU A 25 -36.21 1.36 -10.77
N THR A 26 -37.48 1.49 -11.15
CA THR A 26 -38.44 0.44 -10.87
C THR A 26 -37.98 -0.90 -11.47
N SER A 27 -37.50 -0.86 -12.70
CA SER A 27 -37.07 -2.08 -13.39
C SER A 27 -35.86 -2.73 -12.67
N LEU A 28 -34.89 -1.90 -12.29
CA LEU A 28 -33.72 -2.37 -11.54
C LEU A 28 -34.11 -3.09 -10.25
N ARG A 29 -35.15 -2.57 -9.60
CA ARG A 29 -35.56 -3.06 -8.30
C ARG A 29 -36.23 -4.44 -8.36
N GLN A 30 -36.53 -4.91 -9.58
CA GLN A 30 -36.92 -6.31 -9.75
C GLN A 30 -35.81 -7.27 -9.39
N TYR A 31 -34.58 -6.82 -9.59
CA TYR A 31 -33.40 -7.67 -9.57
C TYR A 31 -32.47 -7.44 -8.39
N THR A 32 -32.54 -6.23 -7.82
CA THR A 32 -31.51 -5.73 -6.93
C THR A 32 -32.19 -4.92 -5.86
N THR A 33 -31.72 -5.05 -4.62
CA THR A 33 -32.15 -4.20 -3.53
C THR A 33 -31.46 -2.85 -3.62
N VAL A 34 -32.23 -1.80 -3.80
CA VAL A 34 -31.67 -0.48 -3.95
C VAL A 34 -31.51 0.17 -2.58
N VAL A 35 -30.30 0.70 -2.39
CA VAL A 35 -29.89 1.37 -1.18
C VAL A 35 -29.56 2.81 -1.53
N ALA A 36 -29.89 3.74 -0.64
CA ALA A 36 -29.62 5.16 -0.90
C ALA A 36 -28.31 5.57 -0.23
N ASP A 37 -27.44 6.18 -1.03
CA ASP A 37 -26.09 6.56 -0.58
C ASP A 37 -26.07 8.05 -0.28
N THR A 38 -26.52 8.40 0.92
CA THR A 38 -26.70 9.78 1.32
C THR A 38 -27.13 9.82 2.79
N GLY A 39 -26.81 10.93 3.43
CA GLY A 39 -27.27 11.22 4.79
C GLY A 39 -28.56 12.03 4.81
N ASP A 40 -29.08 12.37 3.63
CA ASP A 40 -30.24 13.25 3.46
C ASP A 40 -31.56 12.49 3.55
N ILE A 41 -32.35 12.78 4.59
CA ILE A 41 -33.67 12.16 4.77
C ILE A 41 -34.65 12.40 3.62
N ALA A 42 -34.50 13.51 2.89
CA ALA A 42 -35.37 13.79 1.74
C ALA A 42 -35.32 12.68 0.70
N ALA A 43 -34.12 12.13 0.49
CA ALA A 43 -33.95 11.03 -0.44
C ALA A 43 -34.63 9.76 0.05
N MET A 44 -34.65 9.56 1.36
CA MET A 44 -35.26 8.35 1.92
C MET A 44 -36.76 8.40 1.69
N LYS A 45 -37.32 9.59 1.85
CA LYS A 45 -38.76 9.78 1.62
C LYS A 45 -39.10 9.60 0.15
N LEU A 46 -38.24 10.10 -0.73
CA LEU A 46 -38.52 10.09 -2.17
C LEU A 46 -38.39 8.70 -2.78
N TYR A 47 -37.31 8.00 -2.45
CA TYR A 47 -37.00 6.72 -3.11
C TYR A 47 -37.37 5.50 -2.25
N GLN A 48 -37.71 5.70 -0.97
CA GLN A 48 -38.10 4.61 -0.07
C GLN A 48 -37.16 3.40 -0.22
N PRO A 49 -35.87 3.63 0.01
CA PRO A 49 -34.91 2.54 -0.12
C PRO A 49 -35.01 1.56 1.04
N GLN A 50 -34.50 0.36 0.82
CA GLN A 50 -34.50 -0.65 1.86
C GLN A 50 -33.47 -0.33 2.94
N ASP A 51 -32.28 0.04 2.50
CA ASP A 51 -31.19 0.43 3.37
C ASP A 51 -30.67 1.79 2.97
N ALA A 52 -29.79 2.34 3.80
CA ALA A 52 -29.06 3.54 3.45
C ALA A 52 -27.60 3.37 3.84
N THR A 53 -26.73 4.09 3.13
CA THR A 53 -25.31 4.17 3.51
C THR A 53 -24.92 5.61 3.74
N THR A 54 -24.09 5.81 4.76
CA THR A 54 -23.39 7.04 4.98
C THR A 54 -21.87 6.76 4.98
N ASN A 55 -21.11 7.85 5.02
CA ASN A 55 -19.66 7.78 5.14
C ASN A 55 -19.23 9.13 5.73
N PRO A 56 -17.95 9.24 6.13
CA PRO A 56 -17.54 10.46 6.82
C PRO A 56 -17.72 11.73 5.98
N SER A 57 -17.50 11.64 4.67
CA SER A 57 -17.74 12.75 3.77
CA SER A 57 -17.71 12.75 3.78
C SER A 57 -19.19 13.13 3.72
N LEU A 58 -20.06 12.13 3.62
CA LEU A 58 -21.51 12.38 3.61
C LEU A 58 -21.99 12.94 4.92
N ILE A 59 -21.38 12.52 6.04
CA ILE A 59 -21.75 13.07 7.34
C ILE A 59 -21.35 14.54 7.40
N LEU A 60 -20.14 14.85 6.94
CA LEU A 60 -19.66 16.22 6.88
C LEU A 60 -20.59 17.08 6.01
N ASN A 61 -21.02 16.54 4.87
CA ASN A 61 -21.94 17.28 3.97
C ASN A 61 -23.34 17.44 4.57
N ALA A 62 -23.85 16.38 5.19
CA ALA A 62 -25.19 16.39 5.78
C ALA A 62 -25.25 17.37 6.95
N ALA A 63 -24.11 17.53 7.62
CA ALA A 63 -24.00 18.54 8.69
C ALA A 63 -24.25 19.95 8.20
N GLN A 64 -24.08 20.18 6.90
CA GLN A 64 -24.30 21.51 6.32
C GLN A 64 -25.77 21.76 5.91
N ILE A 65 -26.59 20.71 5.93
CA ILE A 65 -28.03 20.84 5.66
C ILE A 65 -28.62 21.66 6.81
N PRO A 66 -29.18 22.86 6.50
CA PRO A 66 -29.70 23.71 7.59
C PRO A 66 -30.62 22.97 8.58
N GLU A 67 -31.48 22.10 8.06
CA GLU A 67 -32.46 21.38 8.89
CA GLU A 67 -32.46 21.37 8.87
C GLU A 67 -31.81 20.36 9.84
N TYR A 68 -30.52 20.08 9.61
CA TYR A 68 -29.76 19.19 10.48
C TYR A 68 -29.00 19.93 11.60
N ARG A 69 -29.13 21.25 11.70
CA ARG A 69 -28.48 21.99 12.78
C ARG A 69 -28.89 21.44 14.16
N LYS A 70 -30.16 21.06 14.29
CA LYS A 70 -30.67 20.42 15.51
CA LYS A 70 -30.67 20.42 15.51
C LYS A 70 -29.89 19.16 15.87
N LEU A 71 -29.56 18.35 14.86
CA LEU A 71 -28.83 17.10 15.13
C LEU A 71 -27.43 17.38 15.65
N ILE A 72 -26.81 18.42 15.09
CA ILE A 72 -25.47 18.83 15.50
C ILE A 72 -25.52 19.36 16.93
N ASP A 73 -26.48 20.25 17.20
CA ASP A 73 -26.57 20.89 18.52
C ASP A 73 -26.90 19.82 19.56
N ASP A 74 -27.74 18.85 19.17
CA ASP A 74 -28.06 17.77 20.09
C ASP A 74 -26.84 16.89 20.36
N ALA A 75 -26.03 16.61 19.34
CA ALA A 75 -24.80 15.82 19.52
C ALA A 75 -23.83 16.52 20.47
N VAL A 76 -23.68 17.83 20.29
CA VAL A 76 -22.80 18.65 21.11
C VAL A 76 -23.32 18.70 22.55
N ALA A 77 -24.62 18.94 22.71
CA ALA A 77 -25.18 19.00 24.07
C ALA A 77 -25.03 17.66 24.78
N TRP A 78 -25.27 16.56 24.07
CA TRP A 78 -25.09 15.21 24.63
C TRP A 78 -23.64 14.98 25.04
N ALA A 79 -22.71 15.33 24.16
CA ALA A 79 -21.26 15.20 24.43
C ALA A 79 -20.84 15.96 25.69
N LYS A 80 -21.35 17.19 25.82
CA LYS A 80 -21.00 18.03 26.96
C LYS A 80 -21.53 17.43 28.27
N GLN A 81 -22.57 16.59 28.18
CA GLN A 81 -23.06 15.87 29.35
C GLN A 81 -22.32 14.56 29.67
N GLN A 82 -21.53 14.06 28.73
CA GLN A 82 -20.77 12.83 28.96
C GLN A 82 -19.46 13.09 29.70
N SER A 83 -18.88 14.26 29.52
CA SER A 83 -17.59 14.58 30.13
C SER A 83 -17.31 16.07 30.08
N ASN A 84 -16.30 16.49 30.83
CA ASN A 84 -15.81 17.87 30.83
C ASN A 84 -14.48 17.98 30.11
N ASP A 85 -14.14 16.96 29.32
CA ASP A 85 -12.87 16.93 28.60
C ASP A 85 -13.10 17.30 27.14
N ARG A 86 -12.47 18.38 26.69
CA ARG A 86 -12.63 18.86 25.32
C ARG A 86 -12.34 17.76 24.28
N ALA A 87 -11.21 17.06 24.42
CA ALA A 87 -10.83 16.04 23.43
C ALA A 87 -11.90 14.96 23.34
N GLN A 88 -12.37 14.54 24.52
CA GLN A 88 -13.41 13.51 24.57
C GLN A 88 -14.76 14.02 24.06
N GLN A 89 -15.09 15.28 24.36
CA GLN A 89 -16.32 15.88 23.85
C GLN A 89 -16.31 15.92 22.33
N ILE A 90 -15.13 16.18 21.75
CA ILE A 90 -15.01 16.24 20.30
C ILE A 90 -15.36 14.88 19.73
N VAL A 91 -14.76 13.83 20.29
CA VAL A 91 -15.03 12.47 19.78
C VAL A 91 -16.48 12.05 20.03
N ASP A 92 -16.98 12.35 21.23
CA ASP A 92 -18.35 12.01 21.57
C ASP A 92 -19.36 12.73 20.66
N ALA A 93 -19.15 14.03 20.43
CA ALA A 93 -20.06 14.79 19.59
C ALA A 93 -20.03 14.32 18.13
N THR A 94 -18.85 14.01 17.60
CA THR A 94 -18.75 13.58 16.22
C THR A 94 -19.43 12.22 16.06
N ASP A 95 -19.18 11.31 17.00
CA ASP A 95 -19.81 9.99 16.94
C ASP A 95 -21.33 10.12 17.09
N LYS A 96 -21.75 10.94 18.02
CA LYS A 96 -23.19 11.11 18.25
C LYS A 96 -23.88 11.74 17.06
N LEU A 97 -23.18 12.64 16.36
CA LEU A 97 -23.76 13.25 15.16
C LEU A 97 -24.01 12.19 14.10
N ALA A 98 -23.01 11.34 13.89
CA ALA A 98 -23.13 10.28 12.87
C ALA A 98 -24.29 9.35 13.20
N VAL A 99 -24.40 9.02 14.47
CA VAL A 99 -25.45 8.15 14.95
C VAL A 99 -26.81 8.85 14.87
N ASN A 100 -26.85 10.13 15.26
CA ASN A 100 -28.11 10.91 15.18
C ASN A 100 -28.65 10.97 13.76
N ILE A 101 -27.75 11.14 12.79
CA ILE A 101 -28.12 11.13 11.39
C ILE A 101 -28.66 9.74 11.03
N GLY A 102 -27.96 8.70 11.48
CA GLY A 102 -28.43 7.32 11.26
C GLY A 102 -29.82 7.07 11.84
N LEU A 103 -30.06 7.60 13.05
CA LEU A 103 -31.35 7.43 13.73
C LEU A 103 -32.47 8.08 12.94
N GLU A 104 -32.21 9.26 12.38
CA GLU A 104 -33.22 9.95 11.54
C GLU A 104 -33.54 9.13 10.31
N ILE A 105 -32.49 8.52 9.74
CA ILE A 105 -32.68 7.70 8.55
C ILE A 105 -33.47 6.45 8.86
N LEU A 106 -33.17 5.79 9.97
CA LEU A 106 -33.83 4.56 10.36
C LEU A 106 -35.32 4.75 10.59
N LYS A 107 -35.74 5.97 10.90
CA LYS A 107 -37.17 6.27 11.02
C LYS A 107 -37.88 6.11 9.69
N LEU A 108 -37.12 6.15 8.59
CA LEU A 108 -37.64 6.21 7.23
C LEU A 108 -37.23 5.05 6.34
N VAL A 109 -36.31 4.20 6.81
CA VAL A 109 -35.86 3.02 6.05
C VAL A 109 -35.98 1.81 6.94
N PRO A 110 -36.53 0.74 6.39
CA PRO A 110 -36.84 -0.44 7.20
C PRO A 110 -35.66 -1.38 7.46
N GLY A 111 -34.59 -1.20 6.70
CA GLY A 111 -33.44 -2.10 6.75
C GLY A 111 -32.29 -1.50 7.52
N ARG A 112 -31.13 -1.55 6.89
CA ARG A 112 -29.88 -1.13 7.54
C ARG A 112 -29.51 0.31 7.35
N ILE A 113 -28.83 0.85 8.36
CA ILE A 113 -27.99 2.03 8.15
C ILE A 113 -26.53 1.60 8.25
N SER A 114 -25.71 2.03 7.30
CA SER A 114 -24.25 1.90 7.41
C SER A 114 -23.66 3.19 7.96
N THR A 115 -22.90 3.04 9.04
CA THR A 115 -22.20 4.13 9.70
C THR A 115 -20.73 3.74 9.78
N GLU A 116 -19.89 4.61 9.26
CA GLU A 116 -18.48 4.35 9.09
C GLU A 116 -17.62 4.79 10.27
N VAL A 117 -16.72 3.90 10.69
CA VAL A 117 -15.73 4.22 11.71
C VAL A 117 -14.71 5.22 11.21
N ASP A 118 -14.16 5.97 12.17
CA ASP A 118 -13.04 6.87 11.97
C ASP A 118 -11.97 6.20 11.09
N ALA A 119 -11.78 6.75 9.90
CA ALA A 119 -10.87 6.12 8.93
C ALA A 119 -9.43 6.17 9.41
N ARG A 120 -9.12 7.04 10.37
CA ARG A 120 -7.75 7.09 10.92
C ARG A 120 -7.37 5.77 11.60
N LEU A 121 -8.35 4.95 11.91
CA LEU A 121 -8.17 3.67 12.58
C LEU A 121 -8.00 2.49 11.61
N SER A 122 -7.90 2.78 10.32
CA SER A 122 -8.02 1.76 9.27
C SER A 122 -6.95 0.67 9.30
N TYR A 123 -5.78 0.99 9.89
CA TYR A 123 -4.69 0.01 9.95
C TYR A 123 -4.49 -0.50 11.38
N ASP A 124 -5.53 -0.36 12.21
CA ASP A 124 -5.48 -0.74 13.62
C ASP A 124 -6.69 -1.59 13.96
N THR A 125 -6.48 -2.89 13.98
CA THR A 125 -7.56 -3.82 14.24
C THR A 125 -8.22 -3.55 15.59
N GLU A 126 -7.44 -3.45 16.66
CA GLU A 126 -8.00 -3.30 18.00
C GLU A 126 -8.76 -2.01 18.16
N ALA A 127 -8.22 -0.93 17.62
CA ALA A 127 -8.89 0.37 17.72
C ALA A 127 -10.17 0.37 16.91
N SER A 128 -10.16 -0.36 15.80
CA SER A 128 -11.33 -0.43 14.91
C SER A 128 -12.45 -1.24 15.56
N ILE A 129 -12.08 -2.33 16.22
CA ILE A 129 -13.07 -3.13 16.97
C ILE A 129 -13.70 -2.27 18.07
N ALA A 130 -12.87 -1.52 18.80
CA ALA A 130 -13.37 -0.67 19.88
C ALA A 130 -14.29 0.40 19.34
N LYS A 131 -13.92 1.02 18.24
CA LYS A 131 -14.76 2.08 17.68
C LYS A 131 -16.09 1.51 17.21
N ALA A 132 -16.04 0.36 16.56
CA ALA A 132 -17.29 -0.30 16.13
C ALA A 132 -18.20 -0.57 17.31
N LYS A 133 -17.61 -1.09 18.39
CA LYS A 133 -18.42 -1.36 19.56
C LYS A 133 -18.99 -0.10 20.19
N ARG A 134 -18.24 0.99 20.12
CA ARG A 134 -18.69 2.26 20.67
C ARG A 134 -19.89 2.77 19.88
N LEU A 135 -19.81 2.70 18.57
CA LEU A 135 -20.92 3.16 17.71
C LEU A 135 -22.14 2.27 17.92
N ILE A 136 -21.92 0.97 18.01
CA ILE A 136 -23.00 0.03 18.33
C ILE A 136 -23.65 0.35 19.67
N LYS A 137 -22.85 0.69 20.67
CA LYS A 137 -23.39 1.07 21.96
C LYS A 137 -24.30 2.28 21.85
N LEU A 138 -23.86 3.29 21.09
CA LEU A 138 -24.65 4.52 20.93
C LEU A 138 -25.98 4.18 20.28
N TYR A 139 -25.96 3.31 19.27
CA TYR A 139 -27.22 2.91 18.63
C TYR A 139 -28.11 2.11 19.57
N ASN A 140 -27.52 1.14 20.25
CA ASN A 140 -28.26 0.31 21.19
C ASN A 140 -28.89 1.17 22.29
N ASP A 141 -28.14 2.13 22.81
CA ASP A 141 -28.63 3.02 23.87
C ASP A 141 -29.79 3.90 23.41
N ALA A 142 -29.82 4.19 22.11
CA ALA A 142 -30.91 4.90 21.45
C ALA A 142 -32.10 3.98 21.09
N GLY A 143 -31.98 2.68 21.39
CA GLY A 143 -33.07 1.73 21.16
C GLY A 143 -33.01 0.95 19.87
N ILE A 144 -31.87 1.00 19.18
CA ILE A 144 -31.72 0.32 17.91
C ILE A 144 -30.89 -0.95 18.09
N SER A 145 -31.41 -2.06 17.59
CA SER A 145 -30.72 -3.34 17.69
CA SER A 145 -30.71 -3.33 17.69
C SER A 145 -29.71 -3.50 16.56
N ASN A 146 -28.80 -4.44 16.76
CA ASN A 146 -27.73 -4.67 15.80
C ASN A 146 -28.16 -5.10 14.40
N ASP A 147 -29.36 -5.69 14.31
CA ASP A 147 -29.89 -6.15 13.03
C ASP A 147 -30.27 -4.99 12.10
N ARG A 148 -30.22 -3.75 12.59
CA ARG A 148 -30.48 -2.56 11.79
C ARG A 148 -29.22 -1.79 11.39
N ILE A 149 -28.05 -2.24 11.82
CA ILE A 149 -26.81 -1.45 11.70
C ILE A 149 -25.78 -2.28 10.94
N LEU A 150 -25.05 -1.60 10.03
CA LEU A 150 -23.78 -2.11 9.55
C LEU A 150 -22.70 -1.11 9.94
N ILE A 151 -21.67 -1.61 10.60
CA ILE A 151 -20.48 -0.81 10.87
C ILE A 151 -19.58 -0.90 9.67
N LYS A 152 -19.31 0.26 9.09
CA LYS A 152 -18.64 0.34 7.80
C LYS A 152 -17.17 0.66 8.07
N LEU A 153 -16.29 -0.05 7.41
CA LEU A 153 -14.86 0.16 7.65
C LEU A 153 -14.06 -0.30 6.44
N ALA A 154 -12.85 0.21 6.34
CA ALA A 154 -12.01 -0.05 5.19
C ALA A 154 -11.47 -1.49 5.21
N SER A 155 -11.46 -2.09 4.03
CA SER A 155 -11.03 -3.49 3.87
CA SER A 155 -11.02 -3.47 3.82
C SER A 155 -9.50 -3.60 3.69
N THR A 156 -8.79 -2.98 4.60
CA THR A 156 -7.39 -3.29 4.77
C THR A 156 -7.36 -4.68 5.47
N TRP A 157 -6.19 -5.30 5.52
CA TRP A 157 -6.08 -6.54 6.27
C TRP A 157 -6.59 -6.34 7.70
N GLN A 158 -6.18 -5.22 8.30
CA GLN A 158 -6.52 -4.94 9.68
C GLN A 158 -8.02 -4.77 9.86
N GLY A 159 -8.67 -4.15 8.90
CA GLY A 159 -10.13 -3.96 8.93
C GLY A 159 -10.87 -5.27 8.75
N ILE A 160 -10.37 -6.10 7.86
CA ILE A 160 -10.97 -7.40 7.60
C ILE A 160 -10.89 -8.27 8.86
N ARG A 161 -9.74 -8.26 9.53
CA ARG A 161 -9.58 -8.97 10.79
C ARG A 161 -10.52 -8.39 11.87
N ALA A 162 -10.64 -7.06 11.93
CA ALA A 162 -11.57 -6.46 12.87
C ALA A 162 -12.98 -6.97 12.60
N ALA A 163 -13.39 -6.94 11.33
CA ALA A 163 -14.73 -7.39 10.97
C ALA A 163 -14.96 -8.85 11.31
N GLU A 164 -13.96 -9.68 11.09
CA GLU A 164 -14.11 -11.10 11.37
C GLU A 164 -14.50 -11.28 12.85
N GLN A 165 -13.84 -10.52 13.73
CA GLN A 165 -14.07 -10.63 15.18
C GLN A 165 -15.43 -10.02 15.50
N LEU A 166 -15.71 -8.86 14.92
CA LEU A 166 -16.98 -8.20 15.19
C LEU A 166 -18.17 -9.09 14.82
N GLU A 167 -18.09 -9.79 13.68
CA GLU A 167 -19.20 -10.65 13.28
C GLU A 167 -19.42 -11.77 14.28
N LYS A 168 -18.33 -12.30 14.84
CA LYS A 168 -18.43 -13.34 15.85
C LYS A 168 -19.11 -12.86 17.13
N GLU A 169 -19.01 -11.55 17.37
CA GLU A 169 -19.63 -10.91 18.53
C GLU A 169 -20.98 -10.27 18.19
N GLY A 170 -21.56 -10.62 17.06
CA GLY A 170 -22.93 -10.18 16.70
C GLY A 170 -23.05 -8.79 16.13
N ILE A 171 -21.95 -8.24 15.65
CA ILE A 171 -21.92 -6.94 15.03
C ILE A 171 -21.67 -7.13 13.54
N ASN A 172 -22.65 -6.73 12.73
CA ASN A 172 -22.59 -6.90 11.30
C ASN A 172 -21.85 -5.71 10.68
N CYS A 173 -20.99 -6.02 9.74
CA CYS A 173 -20.12 -5.03 9.09
C CYS A 173 -20.32 -4.89 7.58
N ASN A 174 -19.94 -3.71 7.11
CA ASN A 174 -19.92 -3.34 5.71
C ASN A 174 -18.44 -3.05 5.39
N LEU A 175 -17.79 -4.00 4.74
CA LEU A 175 -16.38 -3.84 4.38
C LEU A 175 -16.32 -3.10 3.05
N THR A 176 -15.64 -1.97 3.08
CA THR A 176 -15.67 -1.07 1.97
C THR A 176 -14.25 -0.75 1.47
N LEU A 177 -14.17 0.13 0.49
CA LEU A 177 -12.86 0.50 -0.12
C LEU A 177 -12.18 -0.76 -0.64
N LEU A 178 -13.00 -1.56 -1.30
CA LEU A 178 -12.61 -2.84 -1.81
C LEU A 178 -12.35 -2.70 -3.33
N PHE A 179 -11.06 -2.83 -3.66
CA PHE A 179 -10.53 -2.60 -5.00
C PHE A 179 -9.89 -3.82 -5.67
N SER A 180 -9.16 -4.61 -4.89
CA SER A 180 -8.44 -5.75 -5.40
C SER A 180 -9.20 -7.04 -5.13
N PHE A 181 -8.93 -8.03 -5.98
CA PHE A 181 -9.51 -9.31 -5.75
C PHE A 181 -9.05 -9.90 -4.41
N ALA A 182 -7.80 -9.66 -4.04
CA ALA A 182 -7.30 -10.13 -2.75
C ALA A 182 -8.21 -9.63 -1.63
N GLN A 183 -8.61 -8.37 -1.70
CA GLN A 183 -9.55 -7.83 -0.72
C GLN A 183 -10.88 -8.57 -0.74
N ALA A 184 -11.42 -8.77 -1.94
CA ALA A 184 -12.69 -9.49 -2.08
C ALA A 184 -12.61 -10.88 -1.46
N ARG A 185 -11.54 -11.60 -1.79
CA ARG A 185 -11.38 -12.95 -1.29
C ARG A 185 -11.25 -12.96 0.23
N ALA A 186 -10.38 -12.08 0.76
CA ALA A 186 -10.20 -12.04 2.20
C ALA A 186 -11.49 -11.67 2.97
N CYS A 187 -12.28 -10.77 2.40
CA CYS A 187 -13.54 -10.39 3.03
C CYS A 187 -14.51 -11.57 3.09
N ALA A 188 -14.59 -12.33 1.99
CA ALA A 188 -15.48 -13.51 1.97
C ALA A 188 -15.03 -14.55 2.99
N GLU A 189 -13.72 -14.77 3.06
CA GLU A 189 -13.14 -15.74 3.96
C GLU A 189 -13.33 -15.36 5.43
N ALA A 190 -13.45 -14.06 5.70
CA ALA A 190 -13.71 -13.52 7.02
C ALA A 190 -15.19 -13.61 7.44
N GLY A 191 -16.05 -13.97 6.51
CA GLY A 191 -17.48 -14.13 6.80
C GLY A 191 -18.19 -12.83 7.13
N VAL A 192 -17.73 -11.75 6.51
CA VAL A 192 -18.34 -10.45 6.79
C VAL A 192 -19.78 -10.40 6.26
N PHE A 193 -20.60 -9.60 6.90
CA PHE A 193 -22.00 -9.57 6.50
C PHE A 193 -22.17 -9.03 5.09
N LEU A 194 -21.41 -7.99 4.76
CA LEU A 194 -21.60 -7.30 3.51
C LEU A 194 -20.29 -6.67 3.07
N ILE A 195 -20.10 -6.62 1.77
CA ILE A 195 -19.04 -5.82 1.17
C ILE A 195 -19.65 -4.76 0.26
N SER A 196 -18.96 -3.63 0.18
CA SER A 196 -19.33 -2.59 -0.75
C SER A 196 -18.17 -2.27 -1.69
N PRO A 197 -17.93 -3.16 -2.66
CA PRO A 197 -16.84 -2.96 -3.61
C PRO A 197 -17.17 -1.84 -4.57
N TYR A 198 -16.14 -1.09 -4.95
CA TYR A 198 -16.32 0.10 -5.75
C TYR A 198 -16.31 -0.15 -7.23
N VAL A 199 -17.09 0.69 -7.92
CA VAL A 199 -17.10 0.76 -9.35
C VAL A 199 -16.46 2.07 -9.82
N GLY A 200 -17.05 3.17 -9.41
CA GLY A 200 -16.72 4.50 -9.93
C GLY A 200 -15.28 4.89 -9.70
N ARG A 201 -14.78 4.64 -8.51
CA ARG A 201 -13.38 5.05 -8.23
C ARG A 201 -12.39 4.29 -9.06
N ILE A 202 -12.75 3.09 -9.47
CA ILE A 202 -11.90 2.30 -10.38
C ILE A 202 -11.89 2.96 -11.74
N LEU A 203 -13.06 3.29 -12.27
CA LEU A 203 -13.14 4.10 -13.49
C LEU A 203 -12.30 5.37 -13.37
N ASP A 204 -12.41 6.07 -12.24
CA ASP A 204 -11.64 7.29 -12.03
C ASP A 204 -10.14 7.03 -12.26
N TRP A 205 -9.63 5.98 -11.63
CA TRP A 205 -8.21 5.68 -11.73
C TRP A 205 -7.80 5.41 -13.17
N TYR A 206 -8.57 4.58 -13.85
CA TYR A 206 -8.25 4.21 -15.21
C TYR A 206 -8.25 5.43 -16.12
N LYS A 207 -9.19 6.34 -15.91
CA LYS A 207 -9.22 7.56 -16.72
C LYS A 207 -7.99 8.43 -16.46
N ALA A 208 -7.52 8.44 -15.23
CA ALA A 208 -6.40 9.27 -14.82
C ALA A 208 -5.06 8.66 -15.19
N ASN A 209 -5.00 7.33 -15.34
CA ASN A 209 -3.72 6.63 -15.47
C ASN A 209 -3.53 5.83 -16.76
N THR A 210 -4.49 5.91 -17.67
CA THR A 210 -4.38 5.29 -18.99
C THR A 210 -4.95 6.26 -20.02
N ASP A 211 -4.75 5.98 -21.30
CA ASP A 211 -5.22 6.90 -22.34
C ASP A 211 -6.69 6.68 -22.72
N LYS A 212 -7.28 5.58 -22.25
CA LYS A 212 -8.67 5.32 -22.55
C LYS A 212 -9.50 6.07 -21.51
N LYS A 213 -10.26 7.06 -21.98
CA LYS A 213 -11.08 7.89 -21.10
C LYS A 213 -12.56 7.69 -21.34
N GLU A 214 -12.90 6.71 -22.18
CA GLU A 214 -14.26 6.43 -22.57
C GLU A 214 -14.42 4.92 -22.48
N TYR A 215 -15.40 4.43 -21.73
CA TYR A 215 -15.65 2.99 -21.59
C TYR A 215 -17.11 2.66 -21.87
N ALA A 216 -17.35 1.63 -22.69
CA ALA A 216 -18.67 1.03 -22.75
C ALA A 216 -18.96 0.40 -21.38
N PRO A 217 -20.23 0.40 -20.96
CA PRO A 217 -20.53 -0.06 -19.61
C PRO A 217 -19.95 -1.43 -19.24
N ALA A 218 -20.05 -2.39 -20.16
CA ALA A 218 -19.52 -3.72 -19.91
C ALA A 218 -17.98 -3.79 -19.83
N GLU A 219 -17.29 -2.79 -20.37
CA GLU A 219 -15.82 -2.75 -20.29
C GLU A 219 -15.33 -1.75 -19.21
N ASP A 220 -16.25 -1.10 -18.52
CA ASP A 220 -15.88 -0.24 -17.38
C ASP A 220 -15.16 -1.11 -16.34
N PRO A 221 -13.92 -0.75 -15.96
CA PRO A 221 -13.15 -1.66 -15.11
C PRO A 221 -13.75 -1.87 -13.72
N GLY A 222 -14.48 -0.88 -13.23
CA GLY A 222 -15.22 -1.04 -11.99
C GLY A 222 -16.37 -2.04 -12.11
N VAL A 223 -17.10 -1.96 -13.23
CA VAL A 223 -18.16 -2.95 -13.52
C VAL A 223 -17.55 -4.36 -13.61
N VAL A 224 -16.42 -4.48 -14.30
CA VAL A 224 -15.76 -5.79 -14.42
C VAL A 224 -15.38 -6.29 -13.03
N SER A 225 -14.80 -5.41 -12.21
CA SER A 225 -14.37 -5.80 -10.88
C SER A 225 -15.52 -6.38 -10.05
N VAL A 226 -16.61 -5.63 -9.96
CA VAL A 226 -17.71 -6.05 -9.11
C VAL A 226 -18.38 -7.30 -9.69
N SER A 227 -18.48 -7.36 -11.02
CA SER A 227 -19.05 -8.55 -11.68
C SER A 227 -18.25 -9.81 -11.35
N GLU A 228 -16.94 -9.69 -11.39
CA GLU A 228 -16.04 -10.80 -11.05
C GLU A 228 -16.15 -11.21 -9.58
N ILE A 229 -16.32 -10.21 -8.70
CA ILE A 229 -16.49 -10.47 -7.31
C ILE A 229 -17.80 -11.23 -7.05
N TYR A 230 -18.87 -10.74 -7.66
CA TYR A 230 -20.17 -11.36 -7.56
C TYR A 230 -20.08 -12.83 -7.97
N GLN A 231 -19.47 -13.09 -9.11
CA GLN A 231 -19.33 -14.46 -9.60
C GLN A 231 -18.53 -15.32 -8.63
N TYR A 232 -17.39 -14.82 -8.14
CA TYR A 232 -16.59 -15.56 -7.19
C TYR A 232 -17.38 -15.90 -5.92
N TYR A 233 -18.13 -14.92 -5.41
CA TYR A 233 -18.87 -15.13 -4.18
C TYR A 233 -19.94 -16.21 -4.35
N LYS A 234 -20.71 -16.12 -5.43
CA LYS A 234 -21.81 -17.03 -5.61
C LYS A 234 -21.28 -18.43 -6.00
N GLU A 235 -20.22 -18.47 -6.80
CA GLU A 235 -19.70 -19.76 -7.23
C GLU A 235 -19.14 -20.57 -6.04
N HIS A 236 -18.70 -19.90 -4.98
CA HIS A 236 -18.18 -20.58 -3.79
C HIS A 236 -19.13 -20.60 -2.61
N GLY A 237 -20.37 -20.20 -2.85
CA GLY A 237 -21.39 -20.28 -1.81
C GLY A 237 -21.25 -19.30 -0.67
N TYR A 238 -20.48 -18.23 -0.86
CA TYR A 238 -20.34 -17.28 0.21
C TYR A 238 -21.63 -16.50 0.39
N GLU A 239 -21.97 -16.21 1.64
CA GLU A 239 -23.24 -15.57 2.00
CA GLU A 239 -23.23 -15.56 2.01
C GLU A 239 -23.08 -14.06 2.17
N THR A 240 -21.86 -13.56 2.12
CA THR A 240 -21.62 -12.13 2.26
C THR A 240 -22.40 -11.41 1.16
N VAL A 241 -23.15 -10.38 1.56
CA VAL A 241 -23.90 -9.59 0.61
C VAL A 241 -22.96 -8.79 -0.25
N VAL A 242 -23.20 -8.80 -1.57
CA VAL A 242 -22.43 -7.98 -2.48
C VAL A 242 -23.22 -6.72 -2.80
N MET A 243 -22.72 -5.57 -2.35
CA MET A 243 -23.38 -4.30 -2.58
C MET A 243 -22.45 -3.37 -3.36
N GLY A 244 -22.66 -3.27 -4.66
CA GLY A 244 -21.90 -2.30 -5.46
C GLY A 244 -22.08 -0.88 -4.91
N ALA A 245 -21.00 -0.12 -4.91
CA ALA A 245 -20.97 1.27 -4.44
C ALA A 245 -20.07 2.07 -5.36
N SER A 246 -20.22 3.39 -5.30
CA SER A 246 -19.44 4.36 -6.08
C SER A 246 -19.84 4.32 -7.53
N PHE A 247 -20.61 5.31 -7.97
CA PHE A 247 -21.05 5.32 -9.34
C PHE A 247 -20.84 6.67 -10.00
N ARG A 248 -20.51 6.61 -11.27
CA ARG A 248 -20.28 7.79 -12.06
C ARG A 248 -21.34 8.03 -13.11
N ASN A 249 -22.05 6.97 -13.49
CA ASN A 249 -23.09 7.06 -14.51
C ASN A 249 -24.08 5.91 -14.39
N ILE A 250 -25.25 6.07 -15.00
CA ILE A 250 -26.29 5.04 -14.85
C ILE A 250 -25.94 3.76 -15.59
N GLY A 251 -25.10 3.87 -16.63
CA GLY A 251 -24.72 2.67 -17.38
C GLY A 251 -24.03 1.64 -16.49
N GLU A 252 -23.17 2.13 -15.61
CA GLU A 252 -22.49 1.27 -14.65
C GLU A 252 -23.49 0.53 -13.78
N ILE A 253 -24.47 1.26 -13.27
CA ILE A 253 -25.50 0.68 -12.43
C ILE A 253 -26.28 -0.41 -13.17
N LEU A 254 -26.71 -0.10 -14.40
CA LEU A 254 -27.53 -1.04 -15.19
C LEU A 254 -26.77 -2.31 -15.53
N GLU A 255 -25.45 -2.19 -15.71
CA GLU A 255 -24.61 -3.37 -15.98
C GLU A 255 -24.53 -4.31 -14.80
N LEU A 256 -24.90 -3.81 -13.63
CA LEU A 256 -24.85 -4.59 -12.40
C LEU A 256 -26.21 -5.02 -11.88
N ALA A 257 -27.24 -4.86 -12.72
CA ALA A 257 -28.57 -5.30 -12.35
C ALA A 257 -28.51 -6.77 -12.01
N GLY A 258 -29.00 -7.10 -10.81
CA GLY A 258 -28.90 -8.46 -10.28
C GLY A 258 -27.91 -8.57 -9.13
N CYS A 259 -27.05 -7.56 -8.99
CA CYS A 259 -26.21 -7.49 -7.78
C CYS A 259 -27.12 -7.47 -6.57
N ASP A 260 -26.71 -8.15 -5.49
CA ASP A 260 -27.57 -8.30 -4.32
C ASP A 260 -28.21 -6.97 -3.90
N ARG A 261 -27.34 -6.00 -3.70
CA ARG A 261 -27.73 -4.63 -3.38
C ARG A 261 -26.86 -3.70 -4.20
N LEU A 262 -27.35 -2.50 -4.40
CA LEU A 262 -26.55 -1.40 -4.98
C LEU A 262 -26.86 -0.15 -4.20
N THR A 263 -25.83 0.56 -3.75
CA THR A 263 -25.99 1.81 -3.07
C THR A 263 -25.68 2.93 -4.03
N ILE A 264 -26.64 3.83 -4.16
CA ILE A 264 -26.67 4.78 -5.26
C ILE A 264 -27.02 6.15 -4.70
N ALA A 265 -26.30 7.16 -5.17
CA ALA A 265 -26.51 8.53 -4.72
C ALA A 265 -27.81 9.07 -5.31
N PRO A 266 -28.46 10.02 -4.62
CA PRO A 266 -29.70 10.60 -5.12
C PRO A 266 -29.64 11.10 -6.56
N THR A 267 -28.50 11.68 -6.97
CA THR A 267 -28.36 12.18 -8.36
C THR A 267 -28.63 11.08 -9.38
N LEU A 268 -28.05 9.91 -9.17
CA LEU A 268 -28.26 8.81 -10.09
C LEU A 268 -29.59 8.07 -9.86
N LEU A 269 -30.09 8.04 -8.62
CA LEU A 269 -31.44 7.53 -8.38
C LEU A 269 -32.46 8.32 -9.22
N LYS A 270 -32.31 9.64 -9.21
CA LYS A 270 -33.14 10.52 -10.01
C LYS A 270 -32.99 10.24 -11.51
N GLU A 271 -31.76 10.11 -11.99
CA GLU A 271 -31.56 9.76 -13.40
C GLU A 271 -32.22 8.43 -13.78
N LEU A 272 -32.14 7.44 -12.90
CA LEU A 272 -32.77 6.15 -13.16
C LEU A 272 -34.29 6.26 -13.21
N ALA A 273 -34.85 7.01 -12.27
CA ALA A 273 -36.28 7.20 -12.19
C ALA A 273 -36.80 7.96 -13.41
N GLU A 274 -35.94 8.81 -13.98
CA GLU A 274 -36.29 9.62 -15.15
C GLU A 274 -35.99 8.95 -16.49
N SER A 275 -35.46 7.75 -16.46
CA SER A 275 -35.14 6.99 -17.65
C SER A 275 -36.26 5.97 -17.90
N GLU A 276 -36.90 6.05 -19.04
CA GLU A 276 -37.98 5.14 -19.37
C GLU A 276 -37.41 3.87 -19.99
N GLY A 277 -38.02 2.75 -19.68
CA GLY A 277 -37.64 1.50 -20.29
C GLY A 277 -37.38 0.43 -19.27
N ALA A 278 -37.59 -0.80 -19.69
CA ALA A 278 -37.29 -1.95 -18.88
C ALA A 278 -35.86 -2.37 -19.15
N ILE A 279 -35.24 -2.95 -18.13
CA ILE A 279 -33.87 -3.42 -18.24
C ILE A 279 -33.85 -4.90 -17.91
N GLU A 280 -32.79 -5.56 -18.37
CA GLU A 280 -32.62 -6.97 -18.11
C GLU A 280 -31.62 -7.19 -16.97
N ARG A 281 -31.78 -8.30 -16.30
CA ARG A 281 -30.84 -8.73 -15.28
C ARG A 281 -29.50 -9.07 -15.95
N LYS A 282 -28.41 -8.62 -15.35
CA LYS A 282 -27.06 -8.84 -15.90
C LYS A 282 -26.20 -9.80 -15.12
N LEU A 283 -26.38 -9.81 -13.82
CA LEU A 283 -25.52 -10.56 -12.91
C LEU A 283 -26.31 -11.68 -12.29
N SER A 284 -25.93 -12.91 -12.65
CA SER A 284 -26.57 -14.11 -12.13
C SER A 284 -25.53 -15.21 -12.02
N TYR A 285 -25.77 -16.15 -11.12
CA TYR A 285 -25.00 -17.38 -11.06
C TYR A 285 -25.96 -18.57 -10.97
N THR A 286 -25.80 -19.50 -11.90
CA THR A 286 -26.75 -20.60 -12.11
C THR A 286 -26.09 -21.99 -11.95
N GLY A 287 -24.79 -22.00 -11.65
CA GLY A 287 -24.04 -23.24 -11.59
C GLY A 287 -24.02 -23.85 -10.20
N GLU A 288 -23.07 -24.77 -10.03
CA GLU A 288 -22.89 -25.56 -8.83
C GLU A 288 -21.90 -24.83 -7.89
N VAL A 289 -21.94 -25.16 -6.60
CA VAL A 289 -21.00 -24.59 -5.64
C VAL A 289 -19.67 -25.28 -5.81
N LYS A 290 -18.63 -24.48 -5.90
CA LYS A 290 -17.27 -24.95 -6.06
C LYS A 290 -16.58 -25.02 -4.70
N ALA A 291 -15.65 -25.96 -4.56
CA ALA A 291 -14.83 -26.04 -3.33
C ALA A 291 -13.98 -24.81 -3.16
N ARG A 292 -13.87 -24.36 -1.91
CA ARG A 292 -13.09 -23.19 -1.55
C ARG A 292 -11.62 -23.54 -1.40
N PRO A 293 -10.75 -22.58 -1.70
CA PRO A 293 -9.34 -22.77 -1.46
C PRO A 293 -9.04 -22.69 0.03
N ALA A 294 -7.79 -22.91 0.39
CA ALA A 294 -7.33 -22.55 1.72
C ALA A 294 -7.50 -21.04 1.87
N ARG A 295 -7.64 -20.57 3.10
CA ARG A 295 -7.72 -19.13 3.33
C ARG A 295 -6.46 -18.43 2.85
N ILE A 296 -6.64 -17.28 2.25
CA ILE A 296 -5.50 -16.44 1.89
C ILE A 296 -4.80 -15.98 3.18
N THR A 297 -3.47 -16.05 3.18
CA THR A 297 -2.70 -15.60 4.33
C THR A 297 -2.47 -14.11 4.20
N GLU A 298 -2.06 -13.49 5.29
CA GLU A 298 -1.73 -12.08 5.24
C GLU A 298 -0.67 -11.79 4.19
N SER A 299 0.38 -12.60 4.17
CA SER A 299 1.47 -12.38 3.21
C SER A 299 1.00 -12.51 1.77
N GLU A 300 0.16 -13.51 1.51
CA GLU A 300 -0.41 -13.69 0.17
C GLU A 300 -1.32 -12.53 -0.21
N PHE A 301 -2.14 -12.10 0.73
CA PHE A 301 -3.01 -10.98 0.54
C PHE A 301 -2.21 -9.73 0.17
N LEU A 302 -1.13 -9.48 0.92
CA LEU A 302 -0.34 -8.29 0.69
C LEU A 302 0.34 -8.38 -0.69
N TRP A 303 0.85 -9.56 -1.02
CA TRP A 303 1.48 -9.73 -2.33
C TRP A 303 0.46 -9.43 -3.43
N GLN A 304 -0.72 -10.04 -3.32
CA GLN A 304 -1.71 -9.94 -4.38
C GLN A 304 -2.36 -8.56 -4.47
N HIS A 305 -2.66 -7.96 -3.33
CA HIS A 305 -3.22 -6.61 -3.38
C HIS A 305 -2.24 -5.66 -4.07
N ASN A 306 -0.96 -5.79 -3.73
CA ASN A 306 0.05 -4.88 -4.25
C ASN A 306 0.49 -5.17 -5.69
N GLN A 307 -0.03 -6.25 -6.28
CA GLN A 307 0.09 -6.49 -7.69
C GLN A 307 -0.78 -5.56 -8.53
N ASP A 308 -1.76 -4.93 -7.88
CA ASP A 308 -2.81 -4.17 -8.53
C ASP A 308 -2.53 -2.67 -8.26
N PRO A 309 -1.87 -1.96 -9.22
CA PRO A 309 -1.50 -0.55 -8.93
C PRO A 309 -2.69 0.36 -8.66
N MET A 310 -3.83 0.07 -9.28
CA MET A 310 -5.04 0.82 -9.00
C MET A 310 -5.45 0.63 -7.54
N ALA A 311 -5.50 -0.62 -7.10
CA ALA A 311 -5.95 -0.92 -5.74
C ALA A 311 -5.00 -0.37 -4.72
N VAL A 312 -3.70 -0.45 -5.02
CA VAL A 312 -2.70 0.14 -4.13
C VAL A 312 -2.97 1.62 -3.85
N ASP A 313 -3.10 2.39 -4.94
N ASP A 313 -3.11 2.38 -4.92
CA ASP A 313 -3.34 3.82 -4.87
CA ASP A 313 -3.36 3.79 -4.85
C ASP A 313 -4.68 4.11 -4.18
C ASP A 313 -4.69 4.11 -4.16
N LYS A 314 -5.75 3.47 -4.65
CA LYS A 314 -7.09 3.92 -4.29
C LYS A 314 -7.51 3.51 -2.88
N LEU A 315 -7.02 2.37 -2.37
CA LEU A 315 -7.31 2.02 -1.00
C LEU A 315 -6.70 3.06 -0.09
N ALA A 316 -5.40 3.32 -0.28
CA ALA A 316 -4.75 4.29 0.58
C ALA A 316 -5.36 5.68 0.48
N GLU A 317 -5.68 6.09 -0.74
CA GLU A 317 -6.26 7.39 -0.99
C GLU A 317 -7.62 7.55 -0.33
N GLY A 318 -8.49 6.55 -0.48
CA GLY A 318 -9.85 6.65 0.06
C GLY A 318 -9.80 6.74 1.58
N ILE A 319 -8.87 6.01 2.19
CA ILE A 319 -8.65 6.13 3.63
C ILE A 319 -8.20 7.54 3.99
N ARG A 320 -7.20 8.07 3.26
CA ARG A 320 -6.70 9.41 3.56
C ARG A 320 -7.84 10.44 3.49
N LYS A 321 -8.68 10.32 2.47
CA LYS A 321 -9.75 11.28 2.24
C LYS A 321 -10.85 11.23 3.30
N PHE A 322 -11.28 10.04 3.65
CA PHE A 322 -12.25 9.89 4.75
C PHE A 322 -11.68 10.38 6.09
N ALA A 323 -10.39 10.18 6.30
CA ALA A 323 -9.70 10.68 7.51
C ALA A 323 -9.69 12.19 7.55
N ILE A 324 -9.42 12.81 6.40
CA ILE A 324 -9.45 14.28 6.33
C ILE A 324 -10.84 14.80 6.67
N ASP A 325 -11.88 14.16 6.16
CA ASP A 325 -13.23 14.56 6.49
C ASP A 325 -13.60 14.34 7.96
N GLN A 326 -13.03 13.33 8.59
CA GLN A 326 -13.17 13.14 10.04
C GLN A 326 -12.57 14.31 10.81
N GLU A 327 -11.39 14.75 10.39
CA GLU A 327 -10.72 15.91 10.99
C GLU A 327 -11.53 17.17 10.76
N LYS A 328 -12.10 17.33 9.56
CA LYS A 328 -12.93 18.51 9.30
C LYS A 328 -14.16 18.53 10.17
N LEU A 329 -14.75 17.37 10.39
CA LEU A 329 -15.93 17.25 11.27
C LEU A 329 -15.56 17.62 12.71
N GLU A 330 -14.42 17.11 13.16
CA GLU A 330 -13.91 17.43 14.49
C GLU A 330 -13.66 18.94 14.68
N LYS A 331 -13.18 19.59 13.62
CA LYS A 331 -12.92 21.04 13.66
C LYS A 331 -14.25 21.79 13.82
N MET A 332 -15.23 21.40 13.00
CA MET A 332 -16.59 21.94 13.10
C MET A 332 -17.16 21.80 14.52
N ILE A 333 -17.06 20.60 15.08
CA ILE A 333 -17.54 20.30 16.43
C ILE A 333 -16.76 21.08 17.50
N GLY A 334 -15.43 21.02 17.42
CA GLY A 334 -14.58 21.77 18.35
C GLY A 334 -14.98 23.23 18.46
N ASP A 335 -15.36 23.82 17.33
CA ASP A 335 -15.77 25.23 17.29
C ASP A 335 -17.10 25.53 18.01
N LEU A 336 -17.89 24.49 18.27
CA LEU A 336 -19.20 24.61 18.92
C LEU A 336 -19.20 24.33 20.42
N LEU A 337 -18.08 23.88 20.94
CA LEU A 337 -17.98 23.51 22.35
C LEU A 337 -17.78 24.76 23.20
N THR B 22 41.41 18.70 -9.39
CA THR B 22 40.82 17.42 -9.90
C THR B 22 39.29 17.51 -10.16
N ASP B 23 38.63 16.38 -10.00
CA ASP B 23 37.32 16.18 -10.56
C ASP B 23 36.28 15.99 -9.46
N LYS B 24 35.00 16.01 -9.83
CA LYS B 24 33.94 15.99 -8.81
C LYS B 24 33.80 14.62 -8.14
N LEU B 25 34.17 13.55 -8.83
CA LEU B 25 34.14 12.23 -8.16
C LEU B 25 35.19 12.14 -7.06
N THR B 26 36.42 12.53 -7.37
CA THR B 26 37.45 12.63 -6.35
C THR B 26 37.00 13.55 -5.20
N SER B 27 36.42 14.69 -5.54
CA SER B 27 35.99 15.66 -4.52
C SER B 27 34.89 15.09 -3.63
N LEU B 28 33.91 14.44 -4.24
CA LEU B 28 32.82 13.77 -3.52
C LEU B 28 33.35 12.76 -2.51
N ARG B 29 34.41 12.05 -2.93
CA ARG B 29 34.97 10.98 -2.13
C ARG B 29 35.68 11.46 -0.84
N GLN B 30 35.90 12.76 -0.71
CA GLN B 30 36.36 13.34 0.53
C GLN B 30 35.32 13.21 1.64
N TYR B 31 34.05 13.21 1.23
CA TYR B 31 32.93 13.35 2.15
C TYR B 31 32.08 12.09 2.32
N THR B 32 32.11 11.23 1.31
CA THR B 32 31.14 10.15 1.14
C THR B 32 31.86 8.93 0.57
N THR B 33 31.51 7.76 1.08
CA THR B 33 32.00 6.49 0.52
C THR B 33 31.23 6.16 -0.75
N VAL B 34 31.95 6.12 -1.86
CA VAL B 34 31.32 5.87 -3.14
C VAL B 34 31.20 4.36 -3.39
N VAL B 35 29.99 3.96 -3.76
CA VAL B 35 29.62 2.60 -4.06
C VAL B 35 29.15 2.53 -5.51
N ALA B 36 29.52 1.45 -6.21
CA ALA B 36 29.13 1.27 -7.62
C ALA B 36 27.88 0.45 -7.73
N ASP B 37 26.89 1.01 -8.43
CA ASP B 37 25.58 0.40 -8.57
C ASP B 37 25.50 -0.27 -9.93
N THR B 38 25.99 -1.50 -9.98
CA THR B 38 26.12 -2.27 -11.21
C THR B 38 26.64 -3.67 -10.89
N GLY B 39 26.31 -4.62 -11.76
CA GLY B 39 26.89 -5.96 -11.73
C GLY B 39 28.13 -6.12 -12.59
N ASP B 40 28.52 -5.05 -13.27
CA ASP B 40 29.59 -5.06 -14.28
C ASP B 40 30.96 -4.85 -13.64
N ILE B 41 31.81 -5.88 -13.70
CA ILE B 41 33.15 -5.78 -13.13
C ILE B 41 33.99 -4.68 -13.77
N ALA B 42 33.72 -4.32 -15.02
CA ALA B 42 34.50 -3.27 -15.69
C ALA B 42 34.43 -1.95 -14.89
N ALA B 43 33.26 -1.67 -14.34
CA ALA B 43 33.07 -0.49 -13.51
C ALA B 43 33.87 -0.55 -12.21
N MET B 44 34.00 -1.75 -11.65
CA MET B 44 34.72 -1.90 -10.39
C MET B 44 36.21 -1.62 -10.63
N LYS B 45 36.72 -2.08 -11.75
CA LYS B 45 38.13 -1.80 -12.12
C LYS B 45 38.37 -0.33 -12.40
N LEU B 46 37.42 0.32 -13.05
CA LEU B 46 37.59 1.69 -13.48
C LEU B 46 37.48 2.67 -12.31
N TYR B 47 36.47 2.49 -11.46
CA TYR B 47 36.19 3.44 -10.38
C TYR B 47 36.67 3.01 -8.99
N GLN B 48 37.08 1.75 -8.85
CA GLN B 48 37.61 1.24 -7.59
C GLN B 48 36.74 1.69 -6.41
N PRO B 49 35.47 1.32 -6.45
CA PRO B 49 34.59 1.66 -5.34
C PRO B 49 34.87 0.82 -4.09
N GLN B 50 34.45 1.34 -2.94
CA GLN B 50 34.59 0.61 -1.70
C GLN B 50 33.65 -0.60 -1.66
N ASP B 51 32.39 -0.36 -2.01
CA ASP B 51 31.35 -1.39 -2.05
C ASP B 51 30.72 -1.41 -3.43
N ALA B 52 29.88 -2.43 -3.67
CA ALA B 52 29.03 -2.47 -4.85
C ALA B 52 27.63 -2.90 -4.47
N THR B 53 26.67 -2.47 -5.27
CA THR B 53 25.29 -2.94 -5.14
C THR B 53 24.82 -3.58 -6.41
N THR B 54 24.09 -4.68 -6.26
CA THR B 54 23.32 -5.26 -7.35
C THR B 54 21.86 -5.28 -6.95
N ASN B 55 21.04 -5.68 -7.92
CA ASN B 55 19.61 -5.87 -7.70
C ASN B 55 19.16 -6.83 -8.79
N PRO B 56 17.91 -7.30 -8.71
CA PRO B 56 17.48 -8.33 -9.67
C PRO B 56 17.51 -7.87 -11.13
N SER B 57 17.20 -6.60 -11.36
CA SER B 57 17.27 -6.01 -12.70
CA SER B 57 17.29 -6.02 -12.71
C SER B 57 18.72 -5.98 -13.19
N LEU B 58 19.63 -5.54 -12.31
CA LEU B 58 21.06 -5.53 -12.67
C LEU B 58 21.62 -6.92 -12.89
N ILE B 59 21.12 -7.90 -12.17
CA ILE B 59 21.55 -9.27 -12.36
C ILE B 59 21.09 -9.77 -13.73
N LEU B 60 19.82 -9.49 -14.04
CA LEU B 60 19.28 -9.84 -15.36
C LEU B 60 20.10 -9.18 -16.48
N ASN B 61 20.46 -7.91 -16.31
CA ASN B 61 21.24 -7.18 -17.32
C ASN B 61 22.68 -7.71 -17.44
N ALA B 62 23.28 -7.99 -16.29
CA ALA B 62 24.67 -8.48 -16.26
C ALA B 62 24.77 -9.87 -16.85
N ALA B 63 23.69 -10.63 -16.74
CA ALA B 63 23.60 -11.94 -17.41
C ALA B 63 23.74 -11.83 -18.93
N GLN B 64 23.46 -10.66 -19.49
CA GLN B 64 23.56 -10.44 -20.94
C GLN B 64 24.96 -10.04 -21.39
N ILE B 65 25.85 -9.72 -20.44
CA ILE B 65 27.24 -9.39 -20.75
C ILE B 65 27.91 -10.66 -21.27
N PRO B 66 28.37 -10.67 -22.54
CA PRO B 66 28.93 -11.90 -23.12
C PRO B 66 29.97 -12.59 -22.23
N GLU B 67 30.84 -11.80 -21.59
CA GLU B 67 31.90 -12.34 -20.73
C GLU B 67 31.38 -13.03 -19.45
N TYR B 68 30.10 -12.83 -19.16
CA TYR B 68 29.45 -13.48 -18.01
C TYR B 68 28.76 -14.78 -18.36
N ARG B 69 28.82 -15.22 -19.62
CA ARG B 69 28.21 -16.49 -19.98
C ARG B 69 28.76 -17.63 -19.09
N LYS B 70 30.06 -17.58 -18.81
CA LYS B 70 30.70 -18.56 -17.92
CA LYS B 70 30.70 -18.55 -17.91
C LYS B 70 30.03 -18.62 -16.55
N LEU B 71 29.65 -17.45 -16.02
CA LEU B 71 29.03 -17.42 -14.70
C LEU B 71 27.67 -18.10 -14.74
N ILE B 72 26.95 -17.88 -15.84
CA ILE B 72 25.64 -18.48 -16.01
C ILE B 72 25.75 -19.97 -16.16
N ASP B 73 26.66 -20.41 -17.03
CA ASP B 73 26.83 -21.83 -17.28
C ASP B 73 27.30 -22.53 -15.99
N ASP B 74 28.16 -21.85 -15.23
CA ASP B 74 28.60 -22.42 -13.95
C ASP B 74 27.45 -22.52 -12.94
N ALA B 75 26.59 -21.50 -12.89
CA ALA B 75 25.42 -21.54 -11.99
C ALA B 75 24.46 -22.70 -12.35
N VAL B 76 24.24 -22.90 -13.64
CA VAL B 76 23.37 -23.96 -14.15
C VAL B 76 23.98 -25.33 -13.87
N ALA B 77 25.25 -25.48 -14.16
CA ALA B 77 25.93 -26.75 -13.91
C ALA B 77 25.90 -27.09 -12.40
N TRP B 78 26.14 -26.09 -11.54
CA TRP B 78 26.09 -26.29 -10.09
C TRP B 78 24.69 -26.73 -9.66
N ALA B 79 23.68 -26.04 -10.17
CA ALA B 79 22.28 -26.33 -9.83
C ALA B 79 21.92 -27.77 -10.20
N LYS B 80 22.36 -28.19 -11.38
CA LYS B 80 22.06 -29.53 -11.85
C LYS B 80 22.70 -30.60 -10.96
N GLN B 81 23.80 -30.24 -10.29
CA GLN B 81 24.45 -31.14 -9.34
C GLN B 81 23.79 -31.16 -7.96
N GLN B 82 22.95 -30.15 -7.64
CA GLN B 82 22.31 -30.10 -6.33
C GLN B 82 21.06 -30.96 -6.26
N SER B 83 20.37 -31.11 -7.38
CA SER B 83 19.13 -31.87 -7.43
C SER B 83 18.77 -32.22 -8.85
N ASN B 84 17.80 -33.11 -8.98
CA ASN B 84 17.23 -33.50 -10.27
C ASN B 84 15.82 -32.94 -10.46
N ASP B 85 15.49 -31.93 -9.65
CA ASP B 85 14.19 -31.28 -9.70
C ASP B 85 14.28 -29.96 -10.46
N ARG B 86 13.53 -29.85 -11.56
CA ARG B 86 13.57 -28.66 -12.40
C ARG B 86 13.27 -27.39 -11.60
N ALA B 87 12.20 -27.40 -10.80
CA ALA B 87 11.83 -26.18 -10.05
C ALA B 87 12.97 -25.76 -9.12
N GLN B 88 13.55 -26.73 -8.44
CA GLN B 88 14.65 -26.44 -7.53
C GLN B 88 15.90 -26.00 -8.26
N GLN B 89 16.18 -26.61 -9.41
CA GLN B 89 17.32 -26.22 -10.23
C GLN B 89 17.20 -24.78 -10.67
N ILE B 90 15.98 -24.36 -10.98
CA ILE B 90 15.76 -22.98 -11.41
C ILE B 90 16.14 -22.04 -10.27
N VAL B 91 15.66 -22.33 -9.07
CA VAL B 91 15.98 -21.49 -7.92
C VAL B 91 17.46 -21.54 -7.59
N ASP B 92 18.03 -22.74 -7.61
CA ASP B 92 19.45 -22.90 -7.28
C ASP B 92 20.33 -22.15 -8.28
N ALA B 93 19.99 -22.26 -9.56
CA ALA B 93 20.78 -21.60 -10.61
C ALA B 93 20.67 -20.09 -10.51
N THR B 94 19.47 -19.57 -10.26
CA THR B 94 19.31 -18.11 -10.21
C THR B 94 20.06 -17.57 -9.01
N ASP B 95 19.95 -18.26 -7.86
CA ASP B 95 20.64 -17.82 -6.67
C ASP B 95 22.15 -17.89 -6.87
N LYS B 96 22.61 -18.99 -7.47
CA LYS B 96 24.04 -19.17 -7.68
C LYS B 96 24.59 -18.15 -8.66
N LEU B 97 23.79 -17.76 -9.64
CA LEU B 97 24.21 -16.74 -10.60
C LEU B 97 24.42 -15.40 -9.88
N ALA B 98 23.47 -15.02 -9.05
CA ALA B 98 23.58 -13.76 -8.32
C ALA B 98 24.82 -13.76 -7.45
N VAL B 99 25.03 -14.88 -6.77
CA VAL B 99 26.19 -15.02 -5.90
C VAL B 99 27.46 -15.03 -6.71
N ASN B 100 27.46 -15.76 -7.82
CA ASN B 100 28.66 -15.80 -8.70
C ASN B 100 29.09 -14.42 -9.19
N ILE B 101 28.10 -13.60 -9.55
CA ILE B 101 28.34 -12.22 -9.93
C ILE B 101 28.91 -11.46 -8.73
N GLY B 102 28.31 -11.65 -7.55
CA GLY B 102 28.83 -11.03 -6.33
C GLY B 102 30.28 -11.43 -6.06
N LEU B 103 30.59 -12.70 -6.25
CA LEU B 103 31.96 -13.20 -6.02
C LEU B 103 32.95 -12.53 -6.95
N GLU B 104 32.57 -12.37 -8.20
CA GLU B 104 33.44 -11.66 -9.16
C GLU B 104 33.71 -10.24 -8.71
N ILE B 105 32.66 -9.58 -8.20
CA ILE B 105 32.77 -8.20 -7.76
C ILE B 105 33.66 -8.10 -6.53
N LEU B 106 33.49 -9.03 -5.58
CA LEU B 106 34.28 -9.02 -4.37
C LEU B 106 35.77 -9.17 -4.64
N LYS B 107 36.13 -9.78 -5.75
CA LYS B 107 37.54 -9.88 -6.14
C LYS B 107 38.15 -8.51 -6.40
N LEU B 108 37.29 -7.52 -6.67
CA LEU B 108 37.68 -6.20 -7.14
C LEU B 108 37.27 -5.04 -6.23
N VAL B 109 36.49 -5.35 -5.18
CA VAL B 109 36.06 -4.33 -4.20
C VAL B 109 36.34 -4.83 -2.81
N PRO B 110 36.90 -3.97 -1.94
CA PRO B 110 37.36 -4.40 -0.63
C PRO B 110 36.28 -4.46 0.43
N GLY B 111 35.14 -3.87 0.13
CA GLY B 111 34.05 -3.77 1.08
C GLY B 111 32.93 -4.74 0.81
N ARG B 112 31.71 -4.23 0.80
CA ARG B 112 30.51 -5.06 0.70
C ARG B 112 30.03 -5.28 -0.73
N ILE B 113 29.41 -6.44 -0.94
CA ILE B 113 28.48 -6.65 -2.06
C ILE B 113 27.06 -6.71 -1.49
N SER B 114 26.14 -5.97 -2.10
CA SER B 114 24.72 -6.16 -1.82
C SER B 114 24.12 -7.09 -2.88
N THR B 115 23.47 -8.14 -2.40
CA THR B 115 22.78 -9.11 -3.22
C THR B 115 21.33 -9.17 -2.70
N GLU B 116 20.40 -8.99 -3.63
CA GLU B 116 19.00 -8.83 -3.29
C GLU B 116 18.21 -10.14 -3.34
N VAL B 117 17.39 -10.34 -2.31
CA VAL B 117 16.50 -11.49 -2.26
C VAL B 117 15.38 -11.37 -3.30
N ASP B 118 14.90 -12.54 -3.74
CA ASP B 118 13.70 -12.64 -4.55
C ASP B 118 12.61 -11.66 -4.04
N ALA B 119 12.26 -10.67 -4.85
CA ALA B 119 11.30 -9.64 -4.45
C ALA B 119 9.90 -10.19 -4.28
N ARG B 120 9.64 -11.37 -4.82
CA ARG B 120 8.33 -11.99 -4.59
C ARG B 120 8.08 -12.34 -3.11
N LEU B 121 9.15 -12.37 -2.32
CA LEU B 121 9.09 -12.67 -0.90
C LEU B 121 8.89 -11.41 -0.02
N SER B 122 8.67 -10.25 -0.64
CA SER B 122 8.79 -8.97 0.05
C SER B 122 7.80 -8.77 1.20
N TYR B 123 6.65 -9.46 1.14
CA TYR B 123 5.64 -9.34 2.18
C TYR B 123 5.59 -10.61 3.06
N ASP B 124 6.68 -11.38 3.08
CA ASP B 124 6.77 -12.64 3.80
C ASP B 124 8.05 -12.66 4.62
N THR B 125 7.91 -12.35 5.91
CA THR B 125 9.08 -12.28 6.78
C THR B 125 9.84 -13.62 6.83
N GLU B 126 9.13 -14.71 7.08
CA GLU B 126 9.78 -16.01 7.25
C GLU B 126 10.48 -16.46 5.99
N ALA B 127 9.85 -16.27 4.85
CA ALA B 127 10.47 -16.67 3.57
C ALA B 127 11.70 -15.81 3.28
N SER B 128 11.62 -14.54 3.66
CA SER B 128 12.72 -13.62 3.42
C SER B 128 13.91 -13.96 4.30
N ILE B 129 13.66 -14.32 5.55
CA ILE B 129 14.74 -14.76 6.44
C ILE B 129 15.43 -16.00 5.86
N ALA B 130 14.62 -16.96 5.42
CA ALA B 130 15.16 -18.19 4.83
C ALA B 130 15.98 -17.91 3.58
N LYS B 131 15.48 -17.03 2.71
CA LYS B 131 16.22 -16.73 1.49
C LYS B 131 17.54 -16.05 1.82
N ALA B 132 17.51 -15.13 2.77
CA ALA B 132 18.72 -14.46 3.17
C ALA B 132 19.76 -15.43 3.67
N LYS B 133 19.33 -16.36 4.51
CA LYS B 133 20.23 -17.36 5.01
C LYS B 133 20.76 -18.28 3.91
N ARG B 134 19.93 -18.57 2.92
CA ARG B 134 20.35 -19.41 1.80
C ARG B 134 21.47 -18.72 1.02
N LEU B 135 21.27 -17.45 0.72
CA LEU B 135 22.29 -16.70 -0.03
C LEU B 135 23.57 -16.59 0.78
N ILE B 136 23.44 -16.32 2.07
CA ILE B 136 24.60 -16.28 2.98
C ILE B 136 25.36 -17.60 2.97
N LYS B 137 24.63 -18.72 2.98
CA LYS B 137 25.26 -20.04 2.93
C LYS B 137 26.08 -20.20 1.64
N LEU B 138 25.52 -19.76 0.51
CA LEU B 138 26.21 -19.87 -0.77
C LEU B 138 27.51 -19.05 -0.72
N TYR B 139 27.44 -17.84 -0.16
CA TYR B 139 28.63 -17.01 -0.05
C TYR B 139 29.64 -17.63 0.89
N ASN B 140 29.17 -18.09 2.04
CA ASN B 140 30.06 -18.69 3.02
C ASN B 140 30.75 -19.92 2.47
N ASP B 141 30.00 -20.75 1.74
CA ASP B 141 30.58 -21.96 1.12
C ASP B 141 31.66 -21.62 0.09
N ALA B 142 31.53 -20.46 -0.53
CA ALA B 142 32.54 -19.93 -1.46
C ALA B 142 33.70 -19.23 -0.75
N GLY B 143 33.65 -19.19 0.58
CA GLY B 143 34.76 -18.65 1.39
C GLY B 143 34.61 -17.20 1.80
N ILE B 144 33.42 -16.65 1.62
CA ILE B 144 33.17 -15.25 1.91
C ILE B 144 32.44 -15.14 3.23
N SER B 145 32.99 -14.33 4.13
CA SER B 145 32.39 -14.10 5.44
CA SER B 145 32.37 -14.13 5.43
C SER B 145 31.30 -13.05 5.38
N ASN B 146 30.45 -13.04 6.40
CA ASN B 146 29.31 -12.15 6.44
C ASN B 146 29.65 -10.67 6.45
N ASP B 147 30.87 -10.33 6.89
CA ASP B 147 31.28 -8.95 6.96
C ASP B 147 31.52 -8.34 5.57
N ARG B 148 31.43 -9.15 4.53
CA ARG B 148 31.57 -8.68 3.14
C ARG B 148 30.24 -8.61 2.38
N ILE B 149 29.14 -8.97 3.02
CA ILE B 149 27.86 -9.17 2.34
C ILE B 149 26.79 -8.30 2.99
N LEU B 150 25.97 -7.68 2.15
CA LEU B 150 24.68 -7.16 2.61
C LEU B 150 23.58 -7.87 1.84
N ILE B 151 22.66 -8.46 2.58
CA ILE B 151 21.47 -9.03 1.99
C ILE B 151 20.46 -7.91 1.82
N LYS B 152 20.09 -7.66 0.57
CA LYS B 152 19.28 -6.51 0.20
C LYS B 152 17.83 -6.95 0.08
N LEU B 153 16.93 -6.19 0.66
CA LEU B 153 15.52 -6.56 0.63
C LEU B 153 14.66 -5.32 0.84
N ALA B 154 13.41 -5.45 0.41
CA ALA B 154 12.48 -4.32 0.43
C ALA B 154 12.05 -3.98 1.85
N SER B 155 11.99 -2.67 2.11
CA SER B 155 11.63 -2.19 3.44
CA SER B 155 11.61 -2.11 3.39
C SER B 155 10.11 -2.07 3.63
N THR B 156 9.42 -3.18 3.34
CA THR B 156 8.07 -3.34 3.82
C THR B 156 8.17 -3.65 5.31
N TRP B 157 7.04 -3.60 6.03
CA TRP B 157 7.08 -4.01 7.43
C TRP B 157 7.68 -5.39 7.57
N GLN B 158 7.27 -6.29 6.68
CA GLN B 158 7.70 -7.68 6.75
C GLN B 158 9.19 -7.81 6.50
N GLY B 159 9.72 -6.98 5.61
CA GLY B 159 11.17 -6.97 5.34
C GLY B 159 11.99 -6.39 6.46
N ILE B 160 11.46 -5.34 7.08
CA ILE B 160 12.15 -4.75 8.22
C ILE B 160 12.21 -5.74 9.37
N ARG B 161 11.09 -6.45 9.61
CA ARG B 161 11.07 -7.49 10.65
C ARG B 161 12.06 -8.61 10.33
N ALA B 162 12.13 -9.00 9.06
CA ALA B 162 13.10 -10.03 8.64
C ALA B 162 14.53 -9.56 8.93
N ALA B 163 14.80 -8.31 8.55
CA ALA B 163 16.15 -7.74 8.76
C ALA B 163 16.51 -7.66 10.25
N GLU B 164 15.54 -7.25 11.07
CA GLU B 164 15.77 -7.16 12.50
C GLU B 164 16.29 -8.48 13.05
N GLN B 165 15.68 -9.58 12.59
CA GLN B 165 16.04 -10.90 13.04
C GLN B 165 17.38 -11.32 12.45
N LEU B 166 17.54 -11.06 11.16
CA LEU B 166 18.78 -11.43 10.48
C LEU B 166 19.99 -10.77 11.15
N GLU B 167 19.86 -9.51 11.54
CA GLU B 167 20.97 -8.79 12.19
C GLU B 167 21.33 -9.45 13.53
N LYS B 168 20.32 -9.93 14.24
CA LYS B 168 20.55 -10.65 15.50
C LYS B 168 21.34 -11.94 15.31
N GLU B 169 21.22 -12.51 14.11
CA GLU B 169 21.93 -13.73 13.74
C GLU B 169 23.21 -13.48 12.95
N GLY B 170 23.66 -12.24 12.93
CA GLY B 170 24.96 -11.89 12.33
C GLY B 170 24.96 -11.71 10.83
N ILE B 171 23.76 -11.53 10.27
CA ILE B 171 23.60 -11.27 8.82
C ILE B 171 23.23 -9.82 8.65
N ASN B 172 24.10 -9.09 7.96
CA ASN B 172 23.92 -7.66 7.77
C ASN B 172 23.10 -7.42 6.52
N CYS B 173 22.16 -6.49 6.63
CA CYS B 173 21.20 -6.22 5.59
C CYS B 173 21.27 -4.78 5.05
N ASN B 174 20.77 -4.66 3.84
CA ASN B 174 20.58 -3.43 3.11
C ASN B 174 19.08 -3.31 2.85
N LEU B 175 18.43 -2.47 3.67
CA LEU B 175 17.00 -2.23 3.53
CA LEU B 175 16.99 -2.25 3.53
C LEU B 175 16.79 -1.17 2.48
N THR B 176 16.05 -1.54 1.45
CA THR B 176 15.92 -0.70 0.29
C THR B 176 14.46 -0.41 -0.06
N LEU B 177 14.24 0.28 -1.17
CA LEU B 177 12.89 0.69 -1.57
C LEU B 177 12.24 1.49 -0.45
N LEU B 178 13.04 2.40 0.08
CA LEU B 178 12.68 3.22 1.20
C LEU B 178 12.28 4.61 0.68
N PHE B 179 10.98 4.90 0.81
CA PHE B 179 10.34 6.10 0.30
C PHE B 179 9.71 7.01 1.34
N SER B 180 9.12 6.44 2.38
CA SER B 180 8.45 7.19 3.40
C SER B 180 9.31 7.33 4.64
N PHE B 181 9.03 8.38 5.40
CA PHE B 181 9.71 8.55 6.65
C PHE B 181 9.41 7.40 7.62
N ALA B 182 8.19 6.89 7.56
CA ALA B 182 7.82 5.73 8.40
C ALA B 182 8.77 4.58 8.15
N GLN B 183 9.06 4.34 6.89
CA GLN B 183 10.04 3.31 6.54
C GLN B 183 11.41 3.60 7.15
N ALA B 184 11.86 4.85 6.99
CA ALA B 184 13.18 5.23 7.54
C ALA B 184 13.24 5.01 9.06
N ARG B 185 12.20 5.45 9.74
CA ARG B 185 12.16 5.31 11.18
C ARG B 185 12.15 3.84 11.59
N ALA B 186 11.29 3.04 10.95
CA ALA B 186 11.22 1.64 11.30
C ALA B 186 12.52 0.87 11.06
N CYS B 187 13.21 1.23 9.99
CA CYS B 187 14.50 0.61 9.69
C CYS B 187 15.54 0.93 10.77
N ALA B 188 15.59 2.19 11.19
CA ALA B 188 16.53 2.59 12.25
C ALA B 188 16.22 1.81 13.53
N GLU B 189 14.94 1.72 13.86
CA GLU B 189 14.50 1.11 15.09
C GLU B 189 14.76 -0.39 15.11
N ALA B 190 14.84 -1.00 13.92
CA ALA B 190 15.17 -2.40 13.73
C ALA B 190 16.66 -2.69 13.82
N GLY B 191 17.47 -1.64 13.89
CA GLY B 191 18.91 -1.81 13.98
C GLY B 191 19.58 -2.42 12.76
N VAL B 192 19.03 -2.13 11.59
CA VAL B 192 19.56 -2.69 10.36
C VAL B 192 20.93 -2.10 10.06
N PHE B 193 21.78 -2.86 9.38
CA PHE B 193 23.12 -2.38 9.13
C PHE B 193 23.13 -1.14 8.25
N LEU B 194 22.30 -1.17 7.22
CA LEU B 194 22.33 -0.15 6.20
C LEU B 194 20.96 0.04 5.58
N ILE B 195 20.65 1.28 5.21
CA ILE B 195 19.51 1.57 4.37
C ILE B 195 19.95 2.19 3.07
N SER B 196 19.19 1.91 2.00
CA SER B 196 19.43 2.56 0.73
C SER B 196 18.19 3.30 0.26
N PRO B 197 17.91 4.45 0.89
CA PRO B 197 16.73 5.23 0.51
C PRO B 197 16.91 5.87 -0.84
N TYR B 198 15.81 5.98 -1.57
CA TYR B 198 15.86 6.45 -2.95
C TYR B 198 15.75 7.95 -3.10
N VAL B 199 16.43 8.43 -4.14
CA VAL B 199 16.30 9.80 -4.60
C VAL B 199 15.54 9.85 -5.94
N GLY B 200 16.10 9.19 -6.94
CA GLY B 200 15.67 9.31 -8.32
C GLY B 200 14.24 8.87 -8.59
N ARG B 201 13.84 7.77 -7.97
CA ARG B 201 12.44 7.31 -8.15
C ARG B 201 11.43 8.24 -7.55
N ILE B 202 11.83 8.98 -6.52
CA ILE B 202 10.97 10.00 -5.94
C ILE B 202 10.79 11.14 -6.96
N LEU B 203 11.90 11.65 -7.49
CA LEU B 203 11.83 12.61 -8.58
C LEU B 203 10.90 12.08 -9.71
N ASP B 204 11.08 10.82 -10.12
CA ASP B 204 10.26 10.24 -11.18
C ASP B 204 8.78 10.41 -10.86
N TRP B 205 8.38 10.07 -9.64
CA TRP B 205 6.98 10.16 -9.27
C TRP B 205 6.48 11.60 -9.34
N TYR B 206 7.25 12.54 -8.81
CA TYR B 206 6.82 13.93 -8.77
C TYR B 206 6.69 14.49 -10.18
N LYS B 207 7.60 14.09 -11.08
CA LYS B 207 7.49 14.56 -12.46
C LYS B 207 6.22 14.01 -13.12
N ALA B 208 5.84 12.79 -12.75
CA ALA B 208 4.70 12.10 -13.38
C ALA B 208 3.38 12.54 -12.78
N ASN B 209 3.39 13.01 -11.53
CA ASN B 209 2.15 13.23 -10.79
C ASN B 209 1.91 14.66 -10.32
N THR B 210 2.77 15.59 -10.75
CA THR B 210 2.58 17.01 -10.49
C THR B 210 2.97 17.78 -11.74
N ASP B 211 2.71 19.09 -11.76
CA ASP B 211 3.01 19.93 -12.92
C ASP B 211 4.46 20.42 -12.96
N LYS B 212 5.17 20.27 -11.84
CA LYS B 212 6.54 20.70 -11.75
C LYS B 212 7.43 19.58 -12.26
N LYS B 213 8.09 19.81 -13.40
CA LYS B 213 8.90 18.77 -14.01
C LYS B 213 10.38 19.18 -14.06
N GLU B 214 10.71 20.28 -13.36
CA GLU B 214 12.06 20.81 -13.27
C GLU B 214 12.30 21.13 -11.82
N TYR B 215 13.36 20.57 -11.22
CA TYR B 215 13.71 20.85 -9.82
C TYR B 215 15.17 21.26 -9.68
N ALA B 216 15.41 22.35 -8.96
CA ALA B 216 16.75 22.67 -8.49
C ALA B 216 17.18 21.54 -7.55
N PRO B 217 18.48 21.22 -7.54
CA PRO B 217 18.92 20.06 -6.77
C PRO B 217 18.44 20.06 -5.30
N ALA B 218 18.50 21.21 -4.64
CA ALA B 218 18.08 21.28 -3.24
C ALA B 218 16.58 21.10 -3.04
N GLU B 219 15.80 21.29 -4.10
CA GLU B 219 14.36 21.11 -4.04
C GLU B 219 13.89 19.78 -4.62
N ASP B 220 14.82 19.00 -5.15
CA ASP B 220 14.51 17.67 -5.65
C ASP B 220 13.93 16.86 -4.48
N PRO B 221 12.69 16.35 -4.63
CA PRO B 221 12.05 15.72 -3.47
C PRO B 221 12.76 14.49 -2.97
N GLY B 222 13.49 13.80 -3.85
CA GLY B 222 14.30 12.69 -3.41
C GLY B 222 15.49 13.14 -2.56
N VAL B 223 16.14 14.23 -2.97
CA VAL B 223 17.22 14.85 -2.19
C VAL B 223 16.69 15.27 -0.83
N VAL B 224 15.54 15.90 -0.80
CA VAL B 224 14.94 16.31 0.45
C VAL B 224 14.69 15.07 1.35
N SER B 225 14.12 14.01 0.77
CA SER B 225 13.82 12.80 1.52
C SER B 225 15.07 12.24 2.22
N VAL B 226 16.13 12.03 1.44
CA VAL B 226 17.33 11.41 1.98
C VAL B 226 18.01 12.36 2.96
N SER B 227 17.99 13.65 2.67
CA SER B 227 18.58 14.65 3.59
C SER B 227 17.90 14.60 4.97
N GLU B 228 16.57 14.51 4.96
CA GLU B 228 15.79 14.44 6.18
C GLU B 228 16.06 13.16 6.95
N ILE B 229 16.20 12.06 6.21
CA ILE B 229 16.51 10.77 6.82
C ILE B 229 17.89 10.83 7.51
N TYR B 230 18.87 11.35 6.78
CA TYR B 230 20.22 11.52 7.33
C TYR B 230 20.16 12.30 8.65
N GLN B 231 19.48 13.44 8.62
CA GLN B 231 19.37 14.28 9.82
C GLN B 231 18.74 13.50 10.99
N TYR B 232 17.61 12.84 10.73
CA TYR B 232 16.96 12.06 11.75
C TYR B 232 17.89 10.99 12.34
N TYR B 233 18.61 10.28 11.48
CA TYR B 233 19.46 9.17 11.94
C TYR B 233 20.57 9.72 12.84
N LYS B 234 21.22 10.78 12.40
CA LYS B 234 22.36 11.31 13.14
C LYS B 234 21.89 11.98 14.43
N GLU B 235 20.79 12.70 14.36
CA GLU B 235 20.31 13.41 15.53
C GLU B 235 19.90 12.46 16.65
N HIS B 236 19.52 11.22 16.31
CA HIS B 236 19.18 10.22 17.33
C HIS B 236 20.25 9.17 17.57
N GLY B 237 21.44 9.39 17.02
CA GLY B 237 22.54 8.48 17.27
C GLY B 237 22.44 7.10 16.64
N TYR B 238 21.58 6.94 15.63
CA TYR B 238 21.45 5.63 15.00
C TYR B 238 22.70 5.32 14.21
N GLU B 239 23.12 4.06 14.24
CA GLU B 239 24.36 3.62 13.60
C GLU B 239 24.13 3.07 12.21
N THR B 240 22.87 2.87 11.84
CA THR B 240 22.54 2.36 10.52
C THR B 240 23.17 3.28 9.46
N VAL B 241 23.87 2.69 8.51
CA VAL B 241 24.50 3.44 7.45
C VAL B 241 23.44 3.98 6.51
N VAL B 242 23.57 5.24 6.16
CA VAL B 242 22.68 5.87 5.19
C VAL B 242 23.36 5.90 3.84
N MET B 243 22.84 5.12 2.91
CA MET B 243 23.40 5.04 1.56
C MET B 243 22.36 5.48 0.53
N GLY B 244 22.44 6.72 0.08
CA GLY B 244 21.55 7.16 -0.99
C GLY B 244 21.70 6.30 -2.24
N ALA B 245 20.56 6.00 -2.87
CA ALA B 245 20.48 5.16 -4.07
C ALA B 245 19.45 5.77 -5.02
N SER B 246 19.55 5.39 -6.30
CA SER B 246 18.66 5.83 -7.39
C SER B 246 18.96 7.29 -7.74
N PHE B 247 19.63 7.48 -8.87
CA PHE B 247 19.96 8.83 -9.29
C PHE B 247 19.63 9.09 -10.75
N ARG B 248 19.19 10.30 -10.99
CA ARG B 248 18.83 10.72 -12.33
C ARG B 248 19.79 11.74 -12.91
N ASN B 249 20.53 12.43 -12.05
CA ASN B 249 21.48 13.45 -12.50
C ASN B 249 22.57 13.67 -11.41
N ILE B 250 23.71 14.28 -11.79
CA ILE B 250 24.80 14.49 -10.85
C ILE B 250 24.45 15.53 -9.79
N GLY B 251 23.54 16.43 -10.10
CA GLY B 251 23.16 17.44 -9.10
C GLY B 251 22.57 16.84 -7.86
N GLU B 252 21.75 15.81 -8.04
CA GLU B 252 21.19 15.07 -6.90
C GLU B 252 22.30 14.51 -6.04
N ILE B 253 23.28 13.90 -6.70
CA ILE B 253 24.41 13.30 -5.98
C ILE B 253 25.18 14.36 -5.21
N LEU B 254 25.51 15.48 -5.86
CA LEU B 254 26.31 16.52 -5.22
C LEU B 254 25.58 17.13 -4.02
N GLU B 255 24.24 17.21 -4.08
CA GLU B 255 23.46 17.75 -2.96
C GLU B 255 23.54 16.88 -1.73
N LEU B 256 23.96 15.63 -1.92
CA LEU B 256 24.04 14.65 -0.84
C LEU B 256 25.46 14.38 -0.40
N ALA B 257 26.41 15.20 -0.89
CA ALA B 257 27.80 15.08 -0.48
C ALA B 257 27.85 15.14 1.02
N GLY B 258 28.42 14.11 1.63
CA GLY B 258 28.44 13.96 3.09
C GLY B 258 27.59 12.80 3.58
N CYS B 259 26.69 12.32 2.72
CA CYS B 259 25.95 11.11 3.03
C CYS B 259 26.95 10.00 3.29
N ASP B 260 26.66 9.12 4.23
CA ASP B 260 27.65 8.10 4.63
C ASP B 260 28.23 7.40 3.40
N ARG B 261 27.33 6.88 2.56
CA ARG B 261 27.66 6.22 1.32
C ARG B 261 26.65 6.70 0.28
N LEU B 262 27.05 6.60 -0.99
CA LEU B 262 26.15 6.80 -2.11
C LEU B 262 26.48 5.74 -3.14
N THR B 263 25.44 5.05 -3.62
CA THR B 263 25.59 4.06 -4.65
C THR B 263 25.13 4.64 -5.97
N ILE B 264 26.04 4.60 -6.95
CA ILE B 264 25.92 5.39 -8.15
C ILE B 264 26.22 4.52 -9.36
N ALA B 265 25.38 4.65 -10.39
CA ALA B 265 25.53 3.88 -11.62
C ALA B 265 26.74 4.37 -12.39
N PRO B 266 27.35 3.47 -13.21
CA PRO B 266 28.52 3.88 -13.99
C PRO B 266 28.34 5.14 -14.83
N THR B 267 27.15 5.34 -15.40
CA THR B 267 26.89 6.52 -16.24
C THR B 267 27.16 7.81 -15.48
N LEU B 268 26.68 7.87 -14.24
CA LEU B 268 26.90 9.07 -13.44
C LEU B 268 28.26 9.09 -12.76
N LEU B 269 28.85 7.94 -12.45
CA LEU B 269 30.26 7.92 -12.02
C LEU B 269 31.17 8.57 -13.06
N LYS B 270 30.94 8.20 -14.30
CA LYS B 270 31.66 8.78 -15.43
C LYS B 270 31.44 10.28 -15.52
N GLU B 271 30.19 10.73 -15.40
CA GLU B 271 29.90 12.16 -15.46
C GLU B 271 30.63 12.91 -14.35
N LEU B 272 30.67 12.32 -13.16
CA LEU B 272 31.34 12.95 -12.03
C LEU B 272 32.85 13.02 -12.26
N ALA B 273 33.41 11.92 -12.75
CA ALA B 273 34.84 11.88 -13.04
C ALA B 273 35.25 12.87 -14.14
N GLU B 274 34.33 13.16 -15.05
CA GLU B 274 34.60 14.07 -16.15
C GLU B 274 34.26 15.52 -15.87
N SER B 275 33.74 15.80 -14.68
CA SER B 275 33.39 17.17 -14.29
C SER B 275 34.53 17.70 -13.45
N GLU B 276 35.07 18.82 -13.90
CA GLU B 276 36.14 19.44 -13.16
C GLU B 276 35.55 20.33 -12.09
N GLY B 277 36.24 20.40 -10.97
CA GLY B 277 35.84 21.31 -9.92
C GLY B 277 35.73 20.60 -8.60
N ALA B 278 35.95 21.38 -7.55
CA ALA B 278 35.78 20.91 -6.19
C ALA B 278 34.35 21.17 -5.78
N ILE B 279 33.84 20.33 -4.90
CA ILE B 279 32.50 20.48 -4.36
C ILE B 279 32.59 20.56 -2.85
N GLU B 280 31.55 21.11 -2.25
CA GLU B 280 31.49 21.23 -0.81
C GLU B 280 30.60 20.16 -0.21
N ARG B 281 30.86 19.84 1.05
CA ARG B 281 30.01 18.96 1.80
C ARG B 281 28.65 19.63 2.04
N LYS B 282 27.56 18.88 1.88
CA LYS B 282 26.19 19.38 2.07
C LYS B 282 25.43 18.82 3.26
N LEU B 283 25.71 17.57 3.60
CA LEU B 283 24.98 16.84 4.62
C LEU B 283 25.88 16.63 5.81
N SER B 284 25.52 17.27 6.93
CA SER B 284 26.26 17.16 8.18
C SER B 284 25.30 17.28 9.35
N TYR B 285 25.67 16.68 10.48
CA TYR B 285 24.98 16.88 11.74
C TYR B 285 26.02 17.24 12.82
N THR B 286 25.79 18.37 13.48
CA THR B 286 26.79 18.96 14.37
C THR B 286 26.29 19.07 15.83
N GLY B 287 25.04 18.69 16.07
CA GLY B 287 24.41 18.87 17.36
C GLY B 287 24.58 17.71 18.33
N GLU B 288 23.71 17.72 19.33
CA GLU B 288 23.69 16.75 20.42
C GLU B 288 22.76 15.58 20.06
N VAL B 289 22.96 14.42 20.70
CA VAL B 289 22.10 13.28 20.46
C VAL B 289 20.79 13.52 21.20
N LYS B 290 19.67 13.32 20.50
CA LYS B 290 18.34 13.50 21.04
C LYS B 290 17.80 12.15 21.48
N ALA B 291 16.95 12.17 22.50
CA ALA B 291 16.30 10.96 23.00
C ALA B 291 15.41 10.41 21.91
N ARG B 292 15.38 9.09 21.80
CA ARG B 292 14.53 8.40 20.85
C ARG B 292 13.11 8.25 21.34
N PRO B 293 12.16 8.19 20.40
CA PRO B 293 10.79 7.94 20.77
C PRO B 293 10.58 6.47 21.10
N ALA B 294 9.36 6.11 21.53
CA ALA B 294 8.97 4.72 21.55
C ALA B 294 9.05 4.21 20.11
N ARG B 295 9.22 2.90 19.96
CA ARG B 295 9.26 2.32 18.63
C ARG B 295 7.95 2.52 17.92
N ILE B 296 8.02 2.81 16.62
CA ILE B 296 6.79 2.89 15.81
C ILE B 296 6.17 1.49 15.78
N THR B 297 4.85 1.42 15.95
CA THR B 297 4.15 0.14 15.88
C THR B 297 3.79 -0.14 14.43
N GLU B 298 3.44 -1.39 14.17
CA GLU B 298 3.03 -1.75 12.82
C GLU B 298 1.87 -0.86 12.35
N SER B 299 0.87 -0.69 13.20
CA SER B 299 -0.29 0.14 12.83
C SER B 299 0.06 1.57 12.53
N GLU B 300 0.93 2.14 13.37
CA GLU B 300 1.40 3.50 13.14
C GLU B 300 2.21 3.60 11.84
N PHE B 301 3.07 2.63 11.62
CA PHE B 301 3.86 2.56 10.42
C PHE B 301 2.96 2.51 9.18
N LEU B 302 1.95 1.66 9.22
CA LEU B 302 1.05 1.54 8.07
C LEU B 302 0.28 2.85 7.85
N TRP B 303 -0.19 3.46 8.93
CA TRP B 303 -0.91 4.72 8.79
C TRP B 303 0.00 5.76 8.12
N GLN B 304 1.20 5.91 8.67
CA GLN B 304 2.09 6.96 8.22
C GLN B 304 2.63 6.72 6.81
N HIS B 305 3.01 5.47 6.52
CA HIS B 305 3.45 5.17 5.16
C HIS B 305 2.37 5.51 4.13
N ASN B 306 1.14 5.12 4.44
CA ASN B 306 0.05 5.34 3.51
C ASN B 306 -0.50 6.77 3.48
N GLN B 307 0.04 7.66 4.30
CA GLN B 307 -0.19 9.08 4.13
C GLN B 307 0.52 9.68 2.93
N ASP B 308 1.52 8.94 2.42
CA ASP B 308 2.48 9.42 1.42
C ASP B 308 2.11 8.73 0.09
N PRO B 309 1.32 9.39 -0.79
CA PRO B 309 0.90 8.69 -2.04
C PRO B 309 2.06 8.27 -2.93
N MET B 310 3.15 9.03 -2.90
CA MET B 310 4.33 8.65 -3.64
C MET B 310 4.86 7.32 -3.09
N ALA B 311 5.04 7.24 -1.78
CA ALA B 311 5.62 6.07 -1.16
C ALA B 311 4.73 4.87 -1.35
N VAL B 312 3.42 5.08 -1.24
CA VAL B 312 2.45 4.01 -1.48
C VAL B 312 2.67 3.37 -2.85
N ASP B 313 2.68 4.21 -3.88
N ASP B 313 2.67 4.21 -3.89
CA ASP B 313 2.84 3.76 -5.25
CA ASP B 313 2.80 3.73 -5.27
C ASP B 313 4.19 3.11 -5.49
C ASP B 313 4.18 3.09 -5.48
N LYS B 314 5.24 3.81 -5.10
CA LYS B 314 6.59 3.43 -5.51
C LYS B 314 7.15 2.23 -4.78
N LEU B 315 6.76 2.02 -3.53
CA LEU B 315 7.18 0.80 -2.85
C LEU B 315 6.59 -0.41 -3.56
N ALA B 316 5.27 -0.38 -3.76
CA ALA B 316 4.62 -1.52 -4.40
C ALA B 316 5.14 -1.73 -5.80
N GLU B 317 5.34 -0.64 -6.54
CA GLU B 317 5.81 -0.73 -7.90
C GLU B 317 7.21 -1.33 -8.00
N GLY B 318 8.12 -0.88 -7.16
CA GLY B 318 9.51 -1.34 -7.21
C GLY B 318 9.59 -2.83 -6.92
N ILE B 319 8.75 -3.28 -5.98
CA ILE B 319 8.64 -4.70 -5.70
C ILE B 319 8.14 -5.44 -6.93
N ARG B 320 7.06 -4.94 -7.56
CA ARG B 320 6.51 -5.64 -8.74
C ARG B 320 7.56 -5.77 -9.82
N LYS B 321 8.31 -4.69 -10.05
CA LYS B 321 9.30 -4.64 -11.11
C LYS B 321 10.47 -5.59 -10.84
N PHE B 322 10.99 -5.57 -9.63
CA PHE B 322 12.05 -6.53 -9.29
C PHE B 322 11.60 -8.00 -9.37
N ALA B 323 10.34 -8.24 -9.03
CA ALA B 323 9.77 -9.56 -9.12
C ALA B 323 9.66 -10.01 -10.56
N ILE B 324 9.26 -9.10 -11.43
CA ILE B 324 9.20 -9.41 -12.87
C ILE B 324 10.58 -9.79 -13.37
N ASP B 325 11.60 -9.06 -12.95
CA ASP B 325 12.95 -9.40 -13.37
C ASP B 325 13.47 -10.71 -12.80
N GLN B 326 13.00 -11.08 -11.62
CA GLN B 326 13.27 -12.41 -11.08
C GLN B 326 12.67 -13.50 -11.98
N GLU B 327 11.42 -13.29 -12.41
CA GLU B 327 10.75 -14.23 -13.31
C GLU B 327 11.46 -14.30 -14.63
N LYS B 328 11.92 -13.16 -15.14
CA LYS B 328 12.67 -13.16 -16.41
C LYS B 328 13.98 -13.94 -16.29
N LEU B 329 14.64 -13.79 -15.15
CA LEU B 329 15.87 -14.52 -14.89
C LEU B 329 15.58 -16.03 -14.84
N GLU B 330 14.51 -16.41 -14.16
CA GLU B 330 14.10 -17.79 -14.05
C GLU B 330 13.80 -18.40 -15.43
N LYS B 331 13.21 -17.60 -16.31
CA LYS B 331 12.88 -18.04 -17.67
C LYS B 331 14.15 -18.34 -18.46
N MET B 332 15.09 -17.38 -18.39
CA MET B 332 16.42 -17.52 -18.99
C MET B 332 17.10 -18.81 -18.49
N ILE B 333 17.10 -19.01 -17.19
CA ILE B 333 17.70 -20.21 -16.59
C ILE B 333 16.96 -21.48 -16.99
N GLY B 334 15.63 -21.47 -16.87
CA GLY B 334 14.82 -22.63 -17.24
C GLY B 334 15.14 -23.12 -18.64
N ASP B 335 15.42 -22.17 -19.55
CA ASP B 335 15.73 -22.49 -20.94
C ASP B 335 17.10 -23.18 -21.11
N LEU B 336 17.97 -23.09 -20.12
CA LEU B 336 19.30 -23.65 -20.18
C LEU B 336 19.42 -25.02 -19.50
N LEU B 337 18.36 -25.48 -18.84
CA LEU B 337 18.39 -26.74 -18.12
C LEU B 337 18.17 -27.89 -19.08
O1P 44S C . -17.31 8.91 -3.42
P 44S C . -17.78 7.96 -4.48
O3P 44S C . -16.70 7.15 -5.15
O2P 44S C . -18.71 8.69 -5.45
O6 44S C . -18.81 6.99 -3.75
C6 44S C . -18.44 6.11 -2.68
C5 44S C . -19.68 5.88 -1.83
O5 44S C . -20.52 4.94 -2.46
C4 44S C . -19.31 5.38 -0.45
C3 44S C . -20.39 4.96 0.53
O3 44S C . -21.05 6.06 1.14
C2 44S C . -19.48 4.29 1.52
O4 44S C . -18.44 4.26 -0.57
C1 44S C . -18.53 3.52 0.64
O1 44S C . -17.22 3.45 1.14
S SO4 D . -30.54 -7.40 6.33
O1 SO4 D . -29.45 -6.48 5.95
O2 SO4 D . -30.18 -8.18 7.57
O3 SO4 D . -31.76 -6.55 6.62
O4 SO4 D . -30.80 -8.34 5.21
O1P 44S E . 15.93 4.00 -9.59
P 44S E . 16.95 3.19 -10.32
O3P 44S E . 17.72 4.00 -11.36
O2P 44S E . 16.56 1.85 -10.89
O6 44S E . 18.12 2.85 -9.26
C6 44S E . 17.87 2.01 -8.15
C5 44S E . 19.18 1.36 -7.74
O5 44S E . 19.95 2.30 -7.01
C4 44S E . 18.91 0.16 -6.87
C3 44S E . 20.10 -0.60 -6.31
O3 44S E . 20.80 -1.43 -7.24
C2 44S E . 19.32 -1.41 -5.29
O4 44S E . 18.15 0.55 -5.73
C1 44S E . 18.35 -0.41 -4.70
O1 44S E . 17.08 -0.97 -4.38
S SO4 F . 31.48 -2.15 6.28
O1 SO4 F . 32.68 -2.53 5.48
O2 SO4 F . 31.66 -0.83 6.92
O3 SO4 F . 30.29 -2.13 5.42
O4 SO4 F . 31.35 -3.15 7.38
#